data_1FPZ
#
_entry.id   1FPZ
#
_cell.length_a   131.930
_cell.length_b   131.930
_cell.length_c   140.240
_cell.angle_alpha   90.00
_cell.angle_beta   90.00
_cell.angle_gamma   120.00
#
_symmetry.space_group_name_H-M   'P 65'
#
loop_
_entity.id
_entity.type
_entity.pdbx_description
1 polymer 'CYCLIN-DEPENDENT KINASE INHIBITOR 3'
2 non-polymer 'SULFATE ION'
3 water water
#
_entity_poly.entity_id   1
_entity_poly.type   'polypeptide(L)'
_entity_poly.pdbx_seq_one_letter_code
;MKPPSSIQTSEFDSSDEEPIEDEQTPIHISWLSLSRVNCSQFLGLCALPGCKFKDVRRNVQKDTEELKSCGIQDIFVFCT
RGELSKYRVPNLLDLYQQCGIITHHHPIADGGTPDIASCCEIMEELTTCLKNYRKTLIHSYGGLGRSCLVAACLLLYLSD
TISPEQAIDSLRDLRGSGAIQTIKQYNYLHEFRDKLAAHLSSRDSQSRSVSR
;
_entity_poly.pdbx_strand_id   A,B,C,D,E,F
#
loop_
_chem_comp.id
_chem_comp.type
_chem_comp.name
_chem_comp.formula
SO4 non-polymer 'SULFATE ION' 'O4 S -2'
#
# COMPACT_ATOMS: atom_id res chain seq x y z
N THR A 25 -45.56 -22.04 -37.99
CA THR A 25 -44.15 -22.05 -37.51
C THR A 25 -43.97 -21.17 -36.27
N PRO A 26 -42.84 -21.33 -35.57
CA PRO A 26 -42.59 -20.53 -34.37
C PRO A 26 -42.42 -19.04 -34.68
N ILE A 27 -41.18 -18.59 -34.51
CA ILE A 27 -40.74 -17.22 -34.74
C ILE A 27 -39.27 -17.40 -34.48
N HIS A 28 -38.44 -17.01 -35.44
CA HIS A 28 -37.02 -17.21 -35.21
C HIS A 28 -36.24 -16.01 -34.69
N ILE A 29 -35.44 -16.29 -33.68
CA ILE A 29 -34.57 -15.32 -33.03
C ILE A 29 -33.15 -15.58 -33.50
N SER A 30 -32.48 -14.54 -33.99
CA SER A 30 -31.09 -14.63 -34.42
C SER A 30 -30.25 -14.13 -33.26
N TRP A 31 -29.51 -15.02 -32.62
CA TRP A 31 -28.72 -14.66 -31.46
C TRP A 31 -27.30 -14.13 -31.74
N LEU A 32 -27.06 -12.86 -31.40
CA LEU A 32 -25.77 -12.22 -31.60
C LEU A 32 -24.79 -12.43 -30.43
N SER A 33 -23.63 -13.01 -30.71
CA SER A 33 -22.65 -13.19 -29.64
C SER A 33 -21.98 -11.85 -29.39
N LEU A 34 -21.79 -11.52 -28.12
CA LEU A 34 -21.14 -10.24 -27.79
C LEU A 34 -19.66 -10.46 -27.36
N SER A 35 -19.13 -11.68 -27.55
CA SER A 35 -17.75 -11.91 -27.14
C SER A 35 -16.73 -10.95 -27.80
N ARG A 36 -17.05 -10.38 -28.96
CA ARG A 36 -16.09 -9.45 -29.60
C ARG A 36 -15.96 -8.14 -28.84
N VAL A 37 -16.76 -7.98 -27.79
CA VAL A 37 -16.71 -6.79 -26.96
C VAL A 37 -16.62 -7.22 -25.50
N ASN A 38 -16.02 -8.38 -25.30
CA ASN A 38 -15.79 -8.94 -23.98
C ASN A 38 -17.04 -9.16 -23.16
N CYS A 39 -18.03 -9.81 -23.76
CA CYS A 39 -19.28 -10.11 -23.08
C CYS A 39 -19.71 -11.53 -23.42
N SER A 40 -19.96 -12.30 -22.38
CA SER A 40 -20.37 -13.70 -22.43
C SER A 40 -21.77 -13.90 -22.97
N GLN A 41 -22.57 -12.84 -22.85
CA GLN A 41 -23.98 -12.82 -23.27
C GLN A 41 -24.23 -12.75 -24.77
N PHE A 42 -25.47 -13.09 -25.16
CA PHE A 42 -25.93 -13.07 -26.54
C PHE A 42 -27.14 -12.13 -26.60
N LEU A 43 -27.30 -11.44 -27.71
CA LEU A 43 -28.43 -10.54 -27.87
C LEU A 43 -29.32 -11.06 -28.99
N GLY A 44 -30.61 -11.20 -28.72
CA GLY A 44 -31.52 -11.67 -29.76
C GLY A 44 -32.18 -10.61 -30.63
N LEU A 45 -32.33 -10.88 -31.93
CA LEU A 45 -32.97 -9.97 -32.87
C LEU A 45 -34.01 -10.74 -33.70
N CYS A 46 -35.05 -10.05 -34.15
CA CYS A 46 -36.10 -10.71 -34.93
C CYS A 46 -36.99 -9.73 -35.67
N ALA A 47 -37.95 -10.29 -36.41
CA ALA A 47 -38.93 -9.51 -37.15
C ALA A 47 -40.16 -9.33 -36.26
N LEU A 48 -41.12 -8.54 -36.73
CA LEU A 48 -42.32 -8.27 -35.95
C LEU A 48 -43.15 -9.49 -35.57
N PRO A 49 -43.24 -9.75 -34.28
CA PRO A 49 -44.02 -10.91 -33.80
C PRO A 49 -45.52 -10.66 -34.05
N GLY A 50 -46.24 -11.71 -34.42
CA GLY A 50 -47.67 -11.57 -34.67
C GLY A 50 -48.06 -10.68 -35.85
N CYS A 51 -47.08 -10.27 -36.65
CA CYS A 51 -47.36 -9.41 -37.80
C CYS A 51 -48.33 -10.06 -38.77
N LYS A 52 -49.22 -9.24 -39.32
CA LYS A 52 -50.22 -9.72 -40.26
C LYS A 52 -50.25 -8.74 -41.42
N PHE A 53 -49.58 -9.12 -42.51
CA PHE A 53 -49.51 -8.27 -43.68
C PHE A 53 -49.65 -9.19 -44.89
N LYS A 54 -49.50 -8.65 -46.09
CA LYS A 54 -49.62 -9.44 -47.32
C LYS A 54 -48.89 -10.77 -47.22
N ASP A 55 -49.66 -11.86 -47.22
CA ASP A 55 -49.11 -13.22 -47.16
C ASP A 55 -48.56 -13.62 -45.79
N VAL A 56 -48.29 -12.63 -44.95
CA VAL A 56 -47.77 -12.88 -43.61
C VAL A 56 -48.91 -12.82 -42.61
N ARG A 57 -49.30 -13.96 -42.08
CA ARG A 57 -50.38 -14.02 -41.12
C ARG A 57 -49.87 -14.75 -39.88
N ARG A 58 -49.46 -13.99 -38.88
CA ARG A 58 -48.96 -14.53 -37.62
C ARG A 58 -49.99 -14.39 -36.52
N ASN A 59 -49.84 -15.21 -35.48
CA ASN A 59 -50.73 -15.20 -34.33
C ASN A 59 -50.01 -14.49 -33.19
N VAL A 60 -50.35 -13.22 -32.95
CA VAL A 60 -49.66 -12.44 -31.92
C VAL A 60 -49.64 -13.04 -30.52
N GLN A 61 -50.68 -13.78 -30.16
CA GLN A 61 -50.72 -14.38 -28.83
C GLN A 61 -49.82 -15.60 -28.72
N LYS A 62 -49.84 -16.45 -29.74
CA LYS A 62 -48.99 -17.63 -29.74
C LYS A 62 -47.53 -17.23 -29.72
N ASP A 63 -47.16 -16.27 -30.56
CA ASP A 63 -45.78 -15.78 -30.66
C ASP A 63 -45.29 -15.29 -29.32
N THR A 64 -46.12 -14.45 -28.71
CA THR A 64 -45.82 -13.89 -27.40
C THR A 64 -45.53 -15.05 -26.42
N GLU A 65 -46.47 -15.99 -26.31
CA GLU A 65 -46.33 -17.15 -25.44
C GLU A 65 -45.06 -17.95 -25.74
N GLU A 66 -44.75 -18.09 -27.02
CA GLU A 66 -43.56 -18.81 -27.46
C GLU A 66 -42.31 -18.12 -26.89
N LEU A 67 -42.24 -16.80 -27.06
CA LEU A 67 -41.12 -16.01 -26.58
C LEU A 67 -41.02 -16.13 -25.07
N LYS A 68 -42.18 -16.09 -24.41
CA LYS A 68 -42.25 -16.19 -22.97
C LYS A 68 -41.73 -17.56 -22.54
N SER A 69 -42.11 -18.58 -23.30
CA SER A 69 -41.72 -19.96 -23.06
C SER A 69 -40.23 -20.20 -23.33
N CYS A 70 -39.64 -19.27 -24.08
CA CYS A 70 -38.22 -19.35 -24.43
C CYS A 70 -37.35 -18.75 -23.35
N GLY A 71 -37.94 -17.96 -22.46
CA GLY A 71 -37.14 -17.35 -21.41
C GLY A 71 -36.86 -15.88 -21.63
N ILE A 72 -37.48 -15.31 -22.66
CA ILE A 72 -37.31 -13.90 -22.97
C ILE A 72 -37.77 -13.12 -21.75
N GLN A 73 -36.93 -12.24 -21.24
CA GLN A 73 -37.30 -11.46 -20.08
C GLN A 73 -37.60 -10.00 -20.40
N ASP A 74 -36.83 -9.44 -21.31
CA ASP A 74 -36.98 -8.06 -21.73
C ASP A 74 -37.01 -7.98 -23.25
N ILE A 75 -37.95 -7.20 -23.82
CA ILE A 75 -38.07 -7.02 -25.28
C ILE A 75 -38.02 -5.53 -25.68
N PHE A 76 -37.18 -5.15 -26.65
CA PHE A 76 -37.10 -3.77 -27.11
C PHE A 76 -37.77 -3.66 -28.47
N VAL A 77 -38.71 -2.74 -28.58
CA VAL A 77 -39.47 -2.56 -29.80
C VAL A 77 -39.20 -1.21 -30.45
N PHE A 78 -38.77 -1.22 -31.72
CA PHE A 78 -38.49 0.03 -32.39
C PHE A 78 -39.53 0.38 -33.44
N CYS A 79 -40.65 -0.36 -33.47
CA CYS A 79 -41.73 -0.11 -34.43
C CYS A 79 -42.59 1.04 -33.92
N THR A 80 -43.03 1.93 -34.79
CA THR A 80 -43.87 3.05 -34.35
C THR A 80 -45.29 2.56 -34.09
N ARG A 81 -46.10 3.45 -33.53
CA ARG A 81 -47.50 3.14 -33.23
C ARG A 81 -48.27 2.85 -34.52
N GLY A 82 -48.03 3.64 -35.55
CA GLY A 82 -48.70 3.43 -36.82
C GLY A 82 -48.47 2.01 -37.33
N GLU A 83 -47.22 1.58 -37.30
CA GLU A 83 -46.90 0.24 -37.78
C GLU A 83 -47.67 -0.81 -37.03
N LEU A 84 -47.62 -0.74 -35.70
CA LEU A 84 -48.32 -1.73 -34.91
C LEU A 84 -49.78 -1.77 -35.33
N SER A 85 -50.27 -0.65 -35.85
CA SER A 85 -51.64 -0.58 -36.33
C SER A 85 -51.72 -1.25 -37.69
N LYS A 86 -50.94 -0.73 -38.63
CA LYS A 86 -50.88 -1.28 -39.99
C LYS A 86 -50.84 -2.80 -40.00
N TYR A 87 -49.82 -3.35 -39.35
CA TYR A 87 -49.61 -4.79 -39.30
C TYR A 87 -50.54 -5.51 -38.31
N ARG A 88 -51.61 -4.84 -37.92
CA ARG A 88 -52.60 -5.36 -36.99
C ARG A 88 -52.11 -5.97 -35.68
N VAL A 89 -51.26 -5.22 -34.98
CA VAL A 89 -50.72 -5.63 -33.68
C VAL A 89 -50.62 -4.38 -32.80
N PRO A 90 -51.70 -3.58 -32.73
CA PRO A 90 -51.76 -2.35 -31.94
C PRO A 90 -51.54 -2.56 -30.45
N ASN A 91 -51.93 -3.71 -29.94
CA ASN A 91 -51.77 -3.98 -28.52
C ASN A 91 -50.61 -4.94 -28.25
N LEU A 92 -49.59 -4.85 -29.11
CA LEU A 92 -48.40 -5.69 -28.99
C LEU A 92 -47.79 -5.48 -27.63
N LEU A 93 -47.51 -4.21 -27.31
CA LEU A 93 -46.91 -3.83 -26.04
C LEU A 93 -47.74 -4.39 -24.88
N ASP A 94 -49.06 -4.27 -25.00
CA ASP A 94 -49.99 -4.75 -23.98
C ASP A 94 -49.74 -6.24 -23.72
N LEU A 95 -49.87 -7.02 -24.80
CA LEU A 95 -49.69 -8.45 -24.73
C LEU A 95 -48.39 -8.92 -24.10
N TYR A 96 -47.29 -8.27 -24.44
CA TYR A 96 -45.98 -8.64 -23.90
C TYR A 96 -45.97 -8.52 -22.38
N GLN A 97 -46.52 -7.42 -21.88
CA GLN A 97 -46.52 -7.17 -20.45
C GLN A 97 -47.50 -8.09 -19.75
N GLN A 98 -48.60 -8.42 -20.42
CA GLN A 98 -49.59 -9.31 -19.84
C GLN A 98 -48.93 -10.66 -19.59
N CYS A 99 -47.91 -10.96 -20.40
CA CYS A 99 -47.18 -12.22 -20.30
C CYS A 99 -45.98 -12.15 -19.38
N GLY A 100 -45.84 -11.05 -18.67
CA GLY A 100 -44.72 -10.90 -17.74
C GLY A 100 -43.39 -10.49 -18.35
N ILE A 101 -43.41 -10.00 -19.59
CA ILE A 101 -42.17 -9.58 -20.26
C ILE A 101 -41.97 -8.08 -20.06
N ILE A 102 -40.80 -7.60 -19.68
CA ILE A 102 -40.65 -6.14 -19.56
C ILE A 102 -40.44 -5.60 -20.98
N THR A 103 -41.29 -4.63 -21.32
CA THR A 103 -41.34 -4.02 -22.63
C THR A 103 -40.71 -2.62 -22.70
N HIS A 104 -39.73 -2.46 -23.58
CA HIS A 104 -39.00 -1.20 -23.80
C HIS A 104 -39.35 -0.64 -25.18
N HIS A 105 -40.39 0.19 -25.24
CA HIS A 105 -40.76 0.72 -26.54
C HIS A 105 -40.04 2.05 -26.86
N HIS A 106 -39.20 2.04 -27.89
CA HIS A 106 -38.45 3.21 -28.30
C HIS A 106 -38.61 3.38 -29.80
N PRO A 107 -39.75 3.91 -30.23
CA PRO A 107 -40.01 4.11 -31.66
C PRO A 107 -38.93 4.85 -32.46
N ILE A 108 -38.51 4.26 -33.59
CA ILE A 108 -37.54 4.88 -34.48
C ILE A 108 -38.18 4.80 -35.86
N ALA A 109 -38.09 5.90 -36.58
CA ALA A 109 -38.67 6.00 -37.90
C ALA A 109 -38.17 4.93 -38.86
N ASP A 110 -39.10 4.24 -39.52
CA ASP A 110 -38.74 3.20 -40.50
C ASP A 110 -37.72 3.79 -41.48
N GLY A 111 -36.55 3.16 -41.55
CA GLY A 111 -35.51 3.66 -42.43
C GLY A 111 -34.76 4.82 -41.80
N GLY A 112 -35.15 5.19 -40.59
CA GLY A 112 -34.49 6.29 -39.92
C GLY A 112 -33.51 5.94 -38.81
N THR A 113 -33.28 6.88 -37.92
CA THR A 113 -32.35 6.66 -36.82
C THR A 113 -32.85 7.36 -35.56
N PRO A 114 -32.38 6.93 -34.38
CA PRO A 114 -32.82 7.55 -33.13
C PRO A 114 -31.98 8.77 -32.82
N ASP A 115 -32.58 9.78 -32.22
CA ASP A 115 -31.80 10.96 -31.85
C ASP A 115 -30.83 10.45 -30.80
N ILE A 116 -29.78 11.23 -30.54
CA ILE A 116 -28.77 10.84 -29.59
C ILE A 116 -29.24 10.64 -28.17
N ALA A 117 -30.22 11.42 -27.75
CA ALA A 117 -30.73 11.29 -26.39
C ALA A 117 -31.50 9.97 -26.24
N SER A 118 -32.31 9.63 -27.23
CA SER A 118 -33.05 8.38 -27.18
C SER A 118 -32.09 7.19 -27.37
N CYS A 119 -31.23 7.25 -28.38
CA CYS A 119 -30.29 6.14 -28.57
C CYS A 119 -29.43 5.93 -27.33
N CYS A 120 -29.17 7.01 -26.61
CA CYS A 120 -28.37 6.92 -25.40
C CYS A 120 -29.12 6.15 -24.31
N GLU A 121 -30.42 6.41 -24.18
CA GLU A 121 -31.30 5.74 -23.20
C GLU A 121 -31.37 4.24 -23.54
N ILE A 122 -31.46 3.95 -24.83
CA ILE A 122 -31.50 2.56 -25.27
C ILE A 122 -30.24 1.82 -24.88
N MET A 123 -29.07 2.42 -25.11
CA MET A 123 -27.80 1.79 -24.75
C MET A 123 -27.73 1.49 -23.28
N GLU A 124 -28.18 2.46 -22.49
CA GLU A 124 -28.15 2.29 -21.07
C GLU A 124 -29.11 1.20 -20.60
N GLU A 125 -30.32 1.12 -21.15
CA GLU A 125 -31.24 0.09 -20.72
C GLU A 125 -30.74 -1.29 -21.17
N LEU A 126 -30.09 -1.33 -22.33
CA LEU A 126 -29.58 -2.60 -22.86
C LEU A 126 -28.45 -3.08 -21.94
N THR A 127 -27.50 -2.20 -21.69
CA THR A 127 -26.38 -2.57 -20.84
C THR A 127 -26.83 -3.10 -19.51
N THR A 128 -27.86 -2.48 -18.93
CA THR A 128 -28.38 -2.92 -17.65
C THR A 128 -28.97 -4.32 -17.74
N CYS A 129 -29.66 -4.61 -18.85
CA CYS A 129 -30.26 -5.92 -19.04
C CYS A 129 -29.17 -6.97 -19.05
N LEU A 130 -28.03 -6.66 -19.67
CA LEU A 130 -26.95 -7.61 -19.75
C LEU A 130 -26.24 -7.73 -18.40
N LYS A 131 -25.89 -6.62 -17.78
CA LYS A 131 -25.25 -6.69 -16.47
C LYS A 131 -26.14 -7.38 -15.45
N ASN A 132 -27.43 -7.52 -15.74
CA ASN A 132 -28.37 -8.21 -14.84
C ASN A 132 -28.60 -9.64 -15.31
N TYR A 133 -27.98 -9.99 -16.44
CA TYR A 133 -28.09 -11.33 -17.03
C TYR A 133 -29.50 -11.63 -17.53
N ARG A 134 -30.17 -10.60 -18.02
CA ARG A 134 -31.52 -10.76 -18.52
C ARG A 134 -31.61 -11.22 -19.98
N LYS A 135 -32.33 -12.30 -20.22
CA LYS A 135 -32.49 -12.78 -21.57
C LYS A 135 -33.18 -11.65 -22.33
N THR A 136 -32.43 -11.00 -23.22
CA THR A 136 -32.98 -9.87 -23.97
C THR A 136 -33.15 -10.05 -25.48
N LEU A 137 -34.28 -9.59 -25.99
CA LEU A 137 -34.61 -9.67 -27.41
C LEU A 137 -35.02 -8.29 -27.99
N ILE A 138 -34.58 -7.96 -29.22
CA ILE A 138 -34.95 -6.69 -29.82
C ILE A 138 -35.52 -6.89 -31.21
N HIS A 139 -36.49 -6.06 -31.60
CA HIS A 139 -37.07 -6.20 -32.92
C HIS A 139 -37.66 -4.93 -33.48
N SER A 140 -37.70 -4.90 -34.80
CA SER A 140 -38.24 -3.81 -35.57
C SER A 140 -39.40 -4.43 -36.36
N TYR A 141 -39.47 -4.08 -37.65
CA TYR A 141 -40.50 -4.64 -38.52
C TYR A 141 -39.90 -5.93 -39.10
N GLY A 142 -38.76 -5.79 -39.77
CA GLY A 142 -38.10 -6.95 -40.35
C GLY A 142 -36.77 -7.31 -39.70
N GLY A 143 -36.50 -6.75 -38.53
CA GLY A 143 -35.25 -7.03 -37.84
C GLY A 143 -34.04 -6.87 -38.77
N LEU A 144 -34.02 -5.76 -39.48
CA LEU A 144 -32.95 -5.55 -40.44
C LEU A 144 -32.78 -4.08 -40.74
N GLY A 145 -31.98 -3.39 -39.94
CA GLY A 145 -31.77 -1.98 -40.21
C GLY A 145 -31.87 -1.19 -38.94
N ARG A 146 -33.09 -0.97 -38.49
CA ARG A 146 -33.27 -0.24 -37.26
C ARG A 146 -32.70 -1.11 -36.15
N SER A 147 -33.03 -2.40 -36.14
CA SER A 147 -32.52 -3.30 -35.11
C SER A 147 -31.02 -3.49 -35.18
N CYS A 148 -30.48 -3.62 -36.39
CA CYS A 148 -29.04 -3.81 -36.55
C CYS A 148 -28.31 -2.54 -36.21
N LEU A 149 -28.98 -1.41 -36.45
CA LEU A 149 -28.41 -0.11 -36.14
C LEU A 149 -28.16 -0.02 -34.63
N VAL A 150 -29.17 -0.37 -33.85
CA VAL A 150 -29.08 -0.35 -32.39
C VAL A 150 -28.06 -1.38 -31.92
N ALA A 151 -28.10 -2.58 -32.48
CA ALA A 151 -27.17 -3.64 -32.09
C ALA A 151 -25.76 -3.17 -32.37
N ALA A 152 -25.52 -2.66 -33.58
CA ALA A 152 -24.19 -2.19 -33.96
C ALA A 152 -23.77 -1.00 -33.11
N CYS A 153 -24.74 -0.18 -32.72
CA CYS A 153 -24.43 0.94 -31.85
C CYS A 153 -23.96 0.42 -30.49
N LEU A 154 -24.61 -0.64 -29.99
CA LEU A 154 -24.28 -1.22 -28.68
C LEU A 154 -22.84 -1.77 -28.70
N LEU A 155 -22.40 -2.31 -29.83
CA LEU A 155 -21.03 -2.84 -29.92
C LEU A 155 -20.05 -1.67 -29.79
N LEU A 156 -20.29 -0.58 -30.53
CA LEU A 156 -19.42 0.60 -30.43
C LEU A 156 -19.50 1.13 -29.01
N TYR A 157 -20.69 1.06 -28.45
CA TYR A 157 -20.95 1.55 -27.11
C TYR A 157 -20.14 0.80 -26.07
N LEU A 158 -20.17 -0.53 -26.11
CA LEU A 158 -19.42 -1.32 -25.13
C LEU A 158 -17.95 -1.54 -25.46
N SER A 159 -17.49 -1.09 -26.62
CA SER A 159 -16.07 -1.24 -26.98
C SER A 159 -15.51 0.04 -27.58
N ASP A 160 -14.29 0.37 -27.20
CA ASP A 160 -13.70 1.58 -27.71
C ASP A 160 -12.67 1.25 -28.79
N THR A 161 -12.55 -0.04 -29.08
CA THR A 161 -11.59 -0.51 -30.07
C THR A 161 -12.21 -0.93 -31.40
N ILE A 162 -13.49 -1.31 -31.37
CA ILE A 162 -14.15 -1.76 -32.58
C ILE A 162 -14.55 -0.59 -33.47
N SER A 163 -14.36 -0.77 -34.77
CA SER A 163 -14.68 0.27 -35.76
C SER A 163 -16.14 0.17 -36.20
N PRO A 164 -16.68 1.28 -36.73
CA PRO A 164 -18.06 1.27 -37.20
C PRO A 164 -18.18 0.21 -38.27
N GLU A 165 -17.14 0.15 -39.11
CA GLU A 165 -17.11 -0.82 -40.18
C GLU A 165 -17.13 -2.23 -39.65
N GLN A 166 -16.41 -2.47 -38.55
CA GLN A 166 -16.38 -3.79 -37.94
C GLN A 166 -17.71 -4.18 -37.30
N ALA A 167 -18.35 -3.22 -36.64
CA ALA A 167 -19.63 -3.49 -35.99
C ALA A 167 -20.66 -3.78 -37.03
N ILE A 168 -20.54 -3.11 -38.15
CA ILE A 168 -21.47 -3.33 -39.24
C ILE A 168 -21.24 -4.73 -39.78
N ASP A 169 -19.97 -5.11 -39.93
CA ASP A 169 -19.65 -6.44 -40.43
C ASP A 169 -20.23 -7.54 -39.54
N SER A 170 -20.13 -7.36 -38.23
CA SER A 170 -20.66 -8.37 -37.32
C SER A 170 -22.16 -8.57 -37.49
N LEU A 171 -22.91 -7.48 -37.69
CA LEU A 171 -24.36 -7.60 -37.87
C LEU A 171 -24.68 -8.14 -39.26
N ARG A 172 -23.86 -7.75 -40.24
CA ARG A 172 -24.03 -8.21 -41.62
C ARG A 172 -23.91 -9.74 -41.59
N ASP A 173 -22.98 -10.24 -40.78
CA ASP A 173 -22.74 -11.67 -40.63
C ASP A 173 -23.89 -12.36 -39.94
N LEU A 174 -24.70 -11.58 -39.23
CA LEU A 174 -25.85 -12.10 -38.51
C LEU A 174 -27.16 -11.97 -39.28
N ARG A 175 -27.35 -10.84 -39.94
CA ARG A 175 -28.59 -10.56 -40.66
C ARG A 175 -28.56 -10.60 -42.20
N GLY A 176 -27.37 -10.59 -42.79
CA GLY A 176 -27.27 -10.58 -44.24
C GLY A 176 -26.69 -9.27 -44.75
N SER A 177 -26.48 -9.16 -46.06
CA SER A 177 -25.92 -7.92 -46.61
C SER A 177 -26.87 -6.73 -46.39
N GLY A 178 -28.14 -7.02 -46.10
CA GLY A 178 -29.11 -5.95 -45.89
C GLY A 178 -29.22 -5.50 -44.44
N ALA A 179 -28.24 -5.89 -43.62
CA ALA A 179 -28.20 -5.53 -42.20
C ALA A 179 -28.58 -4.09 -41.93
N ILE A 180 -27.82 -3.17 -42.52
CA ILE A 180 -28.11 -1.76 -42.39
C ILE A 180 -28.88 -1.41 -43.66
N GLN A 181 -29.98 -0.66 -43.50
CA GLN A 181 -30.86 -0.29 -44.60
C GLN A 181 -30.51 0.91 -45.46
N THR A 182 -30.46 2.09 -44.85
CA THR A 182 -30.18 3.32 -45.60
C THR A 182 -28.84 3.94 -45.30
N ILE A 183 -28.39 4.84 -46.19
CA ILE A 183 -27.12 5.48 -45.96
C ILE A 183 -27.24 6.40 -44.77
N LYS A 184 -28.46 6.78 -44.40
CA LYS A 184 -28.61 7.63 -43.23
C LYS A 184 -28.12 6.84 -42.02
N GLN A 185 -28.51 5.58 -41.97
CA GLN A 185 -28.11 4.70 -40.87
C GLN A 185 -26.59 4.49 -40.88
N TYR A 186 -26.02 4.26 -42.07
CA TYR A 186 -24.58 4.07 -42.18
C TYR A 186 -23.90 5.31 -41.65
N ASN A 187 -24.45 6.44 -42.04
CA ASN A 187 -23.94 7.72 -41.63
C ASN A 187 -23.97 7.87 -40.12
N TYR A 188 -25.05 7.44 -39.49
CA TYR A 188 -25.16 7.53 -38.02
C TYR A 188 -24.08 6.71 -37.33
N LEU A 189 -23.89 5.46 -37.78
CA LEU A 189 -22.87 4.59 -37.19
C LEU A 189 -21.51 5.27 -37.22
N HIS A 190 -21.16 5.83 -38.38
CA HIS A 190 -19.90 6.55 -38.50
C HIS A 190 -20.23 7.89 -37.88
N GLU A 191 -19.61 8.17 -36.73
CA GLU A 191 -19.81 9.42 -35.97
C GLU A 191 -20.73 9.27 -34.77
N PHE A 192 -21.31 8.09 -34.58
CA PHE A 192 -22.18 7.87 -33.43
C PHE A 192 -21.39 8.13 -32.16
N ARG A 193 -20.09 7.81 -32.21
CA ARG A 193 -19.20 8.01 -31.08
C ARG A 193 -19.00 9.49 -30.81
N ASP A 194 -18.86 10.26 -31.89
CA ASP A 194 -18.67 11.69 -31.73
C ASP A 194 -19.97 12.33 -31.25
N LYS A 195 -21.10 11.97 -31.85
CA LYS A 195 -22.36 12.54 -31.44
C LYS A 195 -22.63 12.19 -29.99
N LEU A 196 -22.35 10.95 -29.62
CA LEU A 196 -22.57 10.56 -28.25
C LEU A 196 -21.62 11.32 -27.33
N ALA A 197 -20.40 11.57 -27.81
CA ALA A 197 -19.40 12.30 -27.03
C ALA A 197 -19.97 13.66 -26.63
N ALA A 198 -20.74 14.24 -27.55
CA ALA A 198 -21.38 15.52 -27.33
C ALA A 198 -22.24 15.40 -26.09
N HIS A 199 -21.59 15.52 -24.94
CA HIS A 199 -22.29 15.43 -23.67
C HIS A 199 -22.01 16.63 -22.81
N LEU A 200 -23.07 17.39 -22.57
CA LEU A 200 -22.97 18.60 -21.77
C LEU A 200 -23.56 18.36 -20.39
N THR B 25 -34.18 -46.99 29.58
CA THR B 25 -32.87 -46.87 30.29
C THR B 25 -32.97 -45.88 31.46
N PRO B 26 -32.74 -46.35 32.70
CA PRO B 26 -32.79 -45.56 33.94
C PRO B 26 -32.51 -44.08 33.75
N ILE B 27 -31.32 -43.69 34.17
CA ILE B 27 -30.82 -42.32 34.09
C ILE B 27 -29.36 -42.61 34.34
N HIS B 28 -28.48 -42.21 33.42
CA HIS B 28 -27.06 -42.51 33.61
C HIS B 28 -26.28 -41.42 34.31
N ILE B 29 -25.53 -41.82 35.34
CA ILE B 29 -24.70 -40.87 36.09
C ILE B 29 -23.25 -41.13 35.71
N SER B 30 -22.51 -40.06 35.38
CA SER B 30 -21.12 -40.11 35.02
C SER B 30 -20.37 -39.75 36.31
N TRP B 31 -19.60 -40.69 36.86
CA TRP B 31 -18.90 -40.44 38.11
C TRP B 31 -17.49 -39.91 37.95
N LEU B 32 -17.27 -38.70 38.46
CA LEU B 32 -15.98 -38.02 38.40
C LEU B 32 -15.04 -38.34 39.59
N SER B 33 -13.88 -38.95 39.34
CA SER B 33 -12.93 -39.22 40.43
C SER B 33 -12.27 -37.94 40.84
N LEU B 34 -12.18 -37.70 42.15
CA LEU B 34 -11.54 -36.50 42.67
C LEU B 34 -10.10 -36.82 43.10
N SER B 35 -9.62 -38.02 42.76
CA SER B 35 -8.27 -38.39 43.17
C SER B 35 -7.18 -37.39 42.82
N ARG B 36 -7.32 -36.72 41.67
CA ARG B 36 -6.30 -35.77 41.23
C ARG B 36 -6.24 -34.52 42.07
N VAL B 37 -7.15 -34.45 43.04
CA VAL B 37 -7.24 -33.33 43.94
C VAL B 37 -7.20 -33.88 45.38
N ASN B 38 -6.61 -35.07 45.49
CA ASN B 38 -6.44 -35.76 46.77
C ASN B 38 -7.73 -36.01 47.56
N CYS B 39 -8.74 -36.50 46.87
CA CYS B 39 -9.99 -36.86 47.52
C CYS B 39 -10.40 -38.22 46.96
N SER B 40 -10.71 -39.16 47.86
CA SER B 40 -11.11 -40.50 47.45
C SER B 40 -12.54 -40.60 46.93
N GLN B 41 -13.31 -39.52 47.08
CA GLN B 41 -14.70 -39.47 46.63
C GLN B 41 -14.91 -39.18 45.13
N PHE B 42 -16.11 -39.49 44.63
CA PHE B 42 -16.47 -39.27 43.21
C PHE B 42 -17.71 -38.39 43.18
N LEU B 43 -17.73 -37.44 42.25
CA LEU B 43 -18.87 -36.55 42.12
C LEU B 43 -19.69 -36.98 40.91
N GLY B 44 -21.00 -37.10 41.06
CA GLY B 44 -21.82 -37.49 39.92
C GLY B 44 -22.36 -36.33 39.08
N LEU B 45 -22.42 -36.54 37.77
CA LEU B 45 -22.96 -35.56 36.80
C LEU B 45 -23.99 -36.29 35.91
N CYS B 46 -25.04 -35.59 35.49
CA CYS B 46 -26.05 -36.16 34.60
C CYS B 46 -26.89 -35.08 33.88
N ALA B 47 -27.73 -35.53 32.95
CA ALA B 47 -28.65 -34.67 32.21
C ALA B 47 -29.91 -34.43 33.03
N LEU B 48 -30.90 -33.72 32.48
CA LEU B 48 -32.12 -33.45 33.23
C LEU B 48 -33.05 -34.65 33.51
N PRO B 49 -33.16 -35.09 34.79
CA PRO B 49 -34.05 -36.22 35.10
C PRO B 49 -35.50 -35.85 34.73
N GLY B 50 -36.27 -36.83 34.30
CA GLY B 50 -37.67 -36.60 33.96
C GLY B 50 -37.94 -35.62 32.82
N CYS B 51 -36.89 -35.20 32.12
CA CYS B 51 -37.04 -34.26 31.02
C CYS B 51 -38.00 -34.80 29.98
N LYS B 52 -38.86 -33.92 29.46
CA LYS B 52 -39.83 -34.26 28.43
C LYS B 52 -39.73 -33.19 27.36
N PHE B 53 -38.98 -33.50 26.31
CA PHE B 53 -38.82 -32.59 25.20
C PHE B 53 -38.85 -33.43 23.94
N LYS B 54 -38.67 -32.82 22.78
CA LYS B 54 -38.70 -33.55 21.50
C LYS B 54 -38.01 -34.91 21.57
N ASP B 55 -38.78 -35.97 21.38
CA ASP B 55 -38.24 -37.33 21.40
C ASP B 55 -37.83 -37.86 22.78
N VAL B 56 -37.59 -36.95 23.71
CA VAL B 56 -37.21 -37.35 25.04
C VAL B 56 -38.42 -37.28 25.96
N ARG B 57 -38.90 -38.43 26.39
CA ARG B 57 -40.05 -38.48 27.27
C ARG B 57 -39.67 -39.36 28.46
N ARG B 58 -39.28 -38.71 29.55
CA ARG B 58 -38.86 -39.40 30.75
C ARG B 58 -39.90 -39.18 31.85
N ASN B 59 -39.91 -40.05 32.85
CA ASN B 59 -40.88 -39.91 33.95
C ASN B 59 -40.16 -39.40 35.20
N VAL B 60 -40.46 -38.16 35.57
CA VAL B 60 -39.83 -37.54 36.74
C VAL B 60 -39.96 -38.31 38.06
N GLN B 61 -41.09 -38.96 38.30
CA GLN B 61 -41.22 -39.69 39.56
C GLN B 61 -40.36 -40.95 39.57
N LYS B 62 -40.32 -41.66 38.45
CA LYS B 62 -39.51 -42.88 38.35
C LYS B 62 -38.02 -42.57 38.47
N ASP B 63 -37.60 -41.54 37.75
CA ASP B 63 -36.21 -41.13 37.76
C ASP B 63 -35.82 -40.78 39.20
N THR B 64 -36.61 -39.94 39.85
CA THR B 64 -36.33 -39.51 41.22
C THR B 64 -36.19 -40.71 42.16
N GLU B 65 -37.09 -41.69 42.02
CA GLU B 65 -37.03 -42.85 42.88
C GLU B 65 -35.78 -43.67 42.59
N GLU B 66 -35.39 -43.76 41.32
CA GLU B 66 -34.18 -44.50 40.98
C GLU B 66 -32.96 -43.81 41.65
N LEU B 67 -32.88 -42.48 41.56
CA LEU B 67 -31.78 -41.73 42.18
C LEU B 67 -31.80 -41.97 43.67
N LYS B 68 -32.97 -41.92 44.27
CA LYS B 68 -33.11 -42.13 45.70
C LYS B 68 -32.65 -43.51 46.11
N SER B 69 -33.09 -44.53 45.35
CA SER B 69 -32.74 -45.91 45.67
C SER B 69 -31.28 -46.24 45.38
N CYS B 70 -30.57 -45.34 44.69
CA CYS B 70 -29.16 -45.55 44.37
C CYS B 70 -28.30 -44.92 45.48
N GLY B 71 -28.95 -44.28 46.44
CA GLY B 71 -28.22 -43.66 47.51
C GLY B 71 -27.89 -42.18 47.37
N ILE B 72 -28.39 -41.51 46.32
CA ILE B 72 -28.11 -40.07 46.17
C ILE B 72 -28.68 -39.35 47.40
N GLN B 73 -27.90 -38.49 48.06
CA GLN B 73 -28.39 -37.80 49.26
C GLN B 73 -28.56 -36.31 48.98
N ASP B 74 -27.68 -35.75 48.14
CA ASP B 74 -27.73 -34.33 47.77
C ASP B 74 -27.68 -34.16 46.23
N ILE B 75 -28.54 -33.28 45.70
CA ILE B 75 -28.55 -32.99 44.27
C ILE B 75 -28.39 -31.48 43.99
N PHE B 76 -27.52 -31.11 43.06
CA PHE B 76 -27.32 -29.71 42.70
C PHE B 76 -27.98 -29.50 41.33
N VAL B 77 -28.87 -28.51 41.21
CA VAL B 77 -29.61 -28.27 39.97
C VAL B 77 -29.23 -26.88 39.43
N PHE B 78 -28.72 -26.80 38.22
CA PHE B 78 -28.33 -25.51 37.66
C PHE B 78 -29.26 -25.01 36.55
N CYS B 79 -30.36 -25.73 36.33
CA CYS B 79 -31.40 -25.37 35.34
C CYS B 79 -32.20 -24.20 35.88
N THR B 80 -32.72 -23.35 35.01
CA THR B 80 -33.50 -22.20 35.47
C THR B 80 -34.96 -22.58 35.60
N ARG B 81 -35.74 -21.74 36.26
CA ARG B 81 -37.18 -21.91 36.44
C ARG B 81 -37.85 -22.10 35.07
N GLY B 82 -37.46 -21.25 34.14
CA GLY B 82 -38.01 -21.34 32.79
C GLY B 82 -37.78 -22.73 32.18
N GLU B 83 -36.57 -23.26 32.32
CA GLU B 83 -36.23 -24.60 31.79
C GLU B 83 -37.09 -25.67 32.42
N LEU B 84 -37.22 -25.65 33.74
CA LEU B 84 -38.02 -26.64 34.45
C LEU B 84 -39.44 -26.64 33.87
N SER B 85 -39.94 -25.46 33.51
CA SER B 85 -41.25 -25.36 32.89
C SER B 85 -41.23 -25.90 31.48
N LYS B 86 -40.33 -25.38 30.64
CA LYS B 86 -40.24 -25.84 29.24
C LYS B 86 -40.16 -27.35 29.10
N TYR B 87 -39.26 -27.98 29.85
CA TYR B 87 -39.08 -29.42 29.78
C TYR B 87 -40.11 -30.17 30.63
N ARG B 88 -41.11 -29.43 31.07
CA ARG B 88 -42.21 -29.98 31.83
C ARG B 88 -41.89 -30.71 33.12
N VAL B 89 -41.06 -30.08 33.93
CA VAL B 89 -40.68 -30.59 35.24
C VAL B 89 -40.51 -29.37 36.15
N PRO B 90 -41.57 -28.58 36.27
CA PRO B 90 -41.64 -27.36 37.09
C PRO B 90 -41.49 -27.67 38.58
N ASN B 91 -41.95 -28.84 38.99
CA ASN B 91 -41.90 -29.17 40.41
C ASN B 91 -40.80 -30.18 40.72
N LEU B 92 -39.76 -30.21 39.88
CA LEU B 92 -38.66 -31.12 40.09
C LEU B 92 -38.08 -31.00 41.50
N LEU B 93 -37.75 -29.77 41.91
CA LEU B 93 -37.14 -29.52 43.21
C LEU B 93 -38.02 -30.02 44.37
N ASP B 94 -39.32 -29.84 44.19
CA ASP B 94 -40.33 -30.27 45.15
C ASP B 94 -40.28 -31.79 45.29
N LEU B 95 -40.32 -32.47 44.15
CA LEU B 95 -40.27 -33.93 44.08
C LEU B 95 -38.99 -34.53 44.68
N TYR B 96 -37.87 -33.87 44.45
CA TYR B 96 -36.61 -34.37 45.00
C TYR B 96 -36.76 -34.38 46.54
N GLN B 97 -37.14 -33.23 47.09
CA GLN B 97 -37.26 -33.10 48.54
C GLN B 97 -38.33 -34.01 49.14
N GLN B 98 -39.44 -34.20 48.44
CA GLN B 98 -40.49 -35.07 48.94
C GLN B 98 -39.96 -36.50 49.07
N CYS B 99 -38.92 -36.81 48.29
CA CYS B 99 -38.29 -38.14 48.29
C CYS B 99 -37.13 -38.20 49.28
N GLY B 100 -36.99 -37.19 50.12
CA GLY B 100 -35.89 -37.18 51.08
C GLY B 100 -34.49 -36.79 50.60
N ILE B 101 -34.37 -36.21 49.40
CA ILE B 101 -33.06 -35.80 48.86
C ILE B 101 -32.83 -34.31 49.15
N ILE B 102 -31.66 -33.93 49.67
CA ILE B 102 -31.41 -32.53 49.97
C ILE B 102 -31.11 -31.83 48.64
N THR B 103 -31.91 -30.82 48.32
CA THR B 103 -31.78 -30.10 47.05
C THR B 103 -31.13 -28.75 47.11
N HIS B 104 -30.13 -28.53 46.27
CA HIS B 104 -29.40 -27.26 46.18
C HIS B 104 -29.62 -26.61 44.81
N HIS B 105 -30.60 -25.72 44.70
CA HIS B 105 -30.90 -25.10 43.42
C HIS B 105 -30.12 -23.82 43.15
N HIS B 106 -29.20 -23.85 42.20
CA HIS B 106 -28.40 -22.67 41.84
C HIS B 106 -28.53 -22.46 40.35
N PRO B 107 -29.63 -21.83 39.92
CA PRO B 107 -29.75 -21.63 38.47
C PRO B 107 -28.62 -20.85 37.78
N ILE B 108 -28.18 -21.36 36.65
CA ILE B 108 -27.15 -20.69 35.86
C ILE B 108 -27.75 -20.58 34.46
N ALA B 109 -27.58 -19.42 33.84
CA ALA B 109 -28.13 -19.20 32.50
C ALA B 109 -27.50 -20.18 31.48
N ASP B 110 -28.35 -20.79 30.66
CA ASP B 110 -27.90 -21.76 29.67
C ASP B 110 -26.78 -21.18 28.84
N GLY B 111 -25.67 -21.88 28.73
CA GLY B 111 -24.55 -21.33 27.99
C GLY B 111 -23.82 -20.25 28.79
N GLY B 112 -24.32 -19.95 29.99
CA GLY B 112 -23.71 -18.91 30.80
C GLY B 112 -22.84 -19.35 31.96
N THR B 113 -22.68 -18.45 32.93
CA THR B 113 -21.84 -18.70 34.09
C THR B 113 -22.40 -18.09 35.39
N PRO B 114 -22.05 -18.68 36.53
CA PRO B 114 -22.54 -18.14 37.81
C PRO B 114 -21.69 -16.92 38.20
N ASP B 115 -22.27 -15.96 38.90
CA ASP B 115 -21.46 -14.82 39.34
C ASP B 115 -20.54 -15.37 40.46
N ILE B 116 -19.45 -14.69 40.78
CA ILE B 116 -18.55 -15.26 41.79
C ILE B 116 -19.18 -15.54 43.13
N ALA B 117 -20.11 -14.69 43.54
CA ALA B 117 -20.77 -14.87 44.82
C ALA B 117 -21.50 -16.20 44.80
N SER B 118 -22.26 -16.37 43.74
CA SER B 118 -23.05 -17.58 43.56
C SER B 118 -22.11 -18.78 43.43
N CYS B 119 -21.08 -18.68 42.58
CA CYS B 119 -20.15 -19.79 42.42
C CYS B 119 -19.44 -20.14 43.74
N CYS B 120 -19.12 -19.12 44.51
CA CYS B 120 -18.45 -19.36 45.75
C CYS B 120 -19.32 -20.18 46.68
N GLU B 121 -20.60 -19.84 46.78
CA GLU B 121 -21.56 -20.57 47.62
C GLU B 121 -21.66 -22.01 47.18
N ILE B 122 -21.67 -22.21 45.86
CA ILE B 122 -21.74 -23.56 45.30
C ILE B 122 -20.51 -24.38 45.76
N MET B 123 -19.33 -23.78 45.68
CA MET B 123 -18.10 -24.48 46.05
C MET B 123 -18.12 -24.88 47.51
N GLU B 124 -18.57 -23.96 48.35
CA GLU B 124 -18.66 -24.24 49.78
C GLU B 124 -19.65 -25.37 50.07
N GLU B 125 -20.82 -25.34 49.44
CA GLU B 125 -21.79 -26.40 49.70
C GLU B 125 -21.30 -27.78 49.22
N LEU B 126 -20.59 -27.81 48.09
CA LEU B 126 -20.10 -29.07 47.56
C LEU B 126 -18.99 -29.59 48.48
N THR B 127 -18.13 -28.69 48.90
CA THR B 127 -17.02 -29.04 49.77
C THR B 127 -17.57 -29.72 51.00
N THR B 128 -18.61 -29.11 51.58
CA THR B 128 -19.24 -29.66 52.76
C THR B 128 -19.84 -31.06 52.52
N CYS B 129 -20.55 -31.28 51.41
CA CYS B 129 -21.09 -32.62 51.15
C CYS B 129 -19.93 -33.62 51.13
N LEU B 130 -18.81 -33.25 50.50
CA LEU B 130 -17.67 -34.14 50.43
C LEU B 130 -17.08 -34.42 51.81
N LYS B 131 -16.90 -33.37 52.59
CA LYS B 131 -16.36 -33.53 53.93
C LYS B 131 -17.29 -34.33 54.84
N ASN B 132 -18.56 -34.41 54.49
CA ASN B 132 -19.53 -35.20 55.28
C ASN B 132 -19.77 -36.59 54.60
N TYR B 133 -19.06 -36.86 53.53
CA TYR B 133 -19.20 -38.09 52.79
C TYR B 133 -20.59 -38.31 52.19
N ARG B 134 -21.23 -37.23 51.74
CA ARG B 134 -22.56 -37.34 51.16
C ARG B 134 -22.44 -37.75 49.69
N LYS B 135 -23.22 -38.74 49.28
CA LYS B 135 -23.26 -39.19 47.88
C LYS B 135 -23.96 -38.00 47.15
N THR B 136 -23.16 -37.26 46.39
CA THR B 136 -23.63 -36.07 45.70
C THR B 136 -23.73 -36.19 44.17
N LEU B 137 -24.77 -35.57 43.61
CA LEU B 137 -25.08 -35.57 42.18
C LEU B 137 -25.37 -34.14 41.71
N ILE B 138 -24.84 -33.73 40.55
CA ILE B 138 -25.16 -32.40 40.06
C ILE B 138 -25.68 -32.53 38.63
N HIS B 139 -26.58 -31.66 38.20
CA HIS B 139 -27.07 -31.76 36.83
C HIS B 139 -27.65 -30.47 36.32
N SER B 140 -27.70 -30.38 34.99
CA SER B 140 -28.24 -29.21 34.30
C SER B 140 -29.22 -29.79 33.28
N TYR B 141 -29.19 -29.28 32.04
CA TYR B 141 -30.09 -29.84 31.01
C TYR B 141 -29.38 -31.04 30.36
N GLY B 142 -28.18 -30.82 29.86
CA GLY B 142 -27.46 -31.90 29.20
C GLY B 142 -26.25 -32.39 29.98
N GLY B 143 -26.02 -31.84 31.17
CA GLY B 143 -24.86 -32.24 31.97
C GLY B 143 -23.61 -32.05 31.15
N LEU B 144 -23.58 -30.92 30.44
CA LEU B 144 -22.50 -30.64 29.52
C LEU B 144 -22.21 -29.12 29.41
N GLY B 145 -21.66 -28.49 30.42
CA GLY B 145 -21.37 -27.07 30.16
C GLY B 145 -21.46 -26.39 31.47
N ARG B 146 -22.69 -26.18 31.90
CA ARG B 146 -22.90 -25.57 33.19
C ARG B 146 -22.44 -26.58 34.26
N SER B 147 -22.74 -27.87 34.08
CA SER B 147 -22.31 -28.85 35.07
C SER B 147 -20.82 -29.06 35.07
N CYS B 148 -20.23 -29.21 33.88
CA CYS B 148 -18.78 -29.40 33.81
C CYS B 148 -18.06 -28.10 34.26
N LEU B 149 -18.70 -26.95 34.07
CA LEU B 149 -18.12 -25.65 34.48
C LEU B 149 -17.93 -25.70 35.99
N VAL B 150 -19.00 -26.06 36.69
CA VAL B 150 -18.99 -26.14 38.14
C VAL B 150 -18.01 -27.19 38.63
N ALA B 151 -18.08 -28.40 38.08
CA ALA B 151 -17.16 -29.42 38.51
C ALA B 151 -15.70 -29.01 38.26
N ALA B 152 -15.43 -28.32 37.15
CA ALA B 152 -14.05 -27.89 36.85
C ALA B 152 -13.61 -26.84 37.86
N CYS B 153 -14.55 -25.97 38.22
CA CYS B 153 -14.27 -24.92 39.20
C CYS B 153 -13.91 -25.54 40.55
N LEU B 154 -14.58 -26.64 40.90
CA LEU B 154 -14.30 -27.29 42.19
C LEU B 154 -12.90 -27.89 42.18
N LEU B 155 -12.46 -28.40 41.04
CA LEU B 155 -11.13 -28.97 40.97
C LEU B 155 -10.15 -27.83 41.24
N LEU B 156 -10.38 -26.67 40.65
CA LEU B 156 -9.49 -25.52 40.87
C LEU B 156 -9.61 -25.05 42.32
N TYR B 157 -10.82 -25.10 42.85
CA TYR B 157 -11.12 -24.70 44.24
C TYR B 157 -10.37 -25.62 45.22
N LEU B 158 -10.46 -26.93 45.04
CA LEU B 158 -9.82 -27.85 45.95
C LEU B 158 -8.31 -28.10 45.74
N SER B 159 -7.73 -27.57 44.67
CA SER B 159 -6.31 -27.75 44.40
C SER B 159 -5.66 -26.47 43.92
N ASP B 160 -4.46 -26.20 44.41
CA ASP B 160 -3.78 -24.99 44.01
C ASP B 160 -2.77 -25.26 42.89
N THR B 161 -2.61 -26.53 42.54
CA THR B 161 -1.64 -26.86 41.52
C THR B 161 -2.18 -27.24 40.14
N ILE B 162 -3.46 -27.60 40.05
CA ILE B 162 -4.01 -27.98 38.73
C ILE B 162 -4.39 -26.73 37.98
N SER B 163 -4.10 -26.73 36.68
CA SER B 163 -4.39 -25.59 35.81
C SER B 163 -5.81 -25.66 35.23
N PRO B 164 -6.34 -24.51 34.74
CA PRO B 164 -7.68 -24.53 34.16
C PRO B 164 -7.68 -25.49 32.96
N GLU B 165 -6.59 -25.48 32.23
CA GLU B 165 -6.53 -26.37 31.08
C GLU B 165 -6.65 -27.83 31.52
N GLN B 166 -5.97 -28.18 32.61
CA GLN B 166 -6.00 -29.54 33.14
C GLN B 166 -7.34 -29.95 33.69
N ALA B 167 -8.04 -29.02 34.35
CA ALA B 167 -9.38 -29.29 34.88
C ALA B 167 -10.35 -29.46 33.70
N ILE B 168 -10.15 -28.68 32.66
CA ILE B 168 -11.03 -28.78 31.51
C ILE B 168 -10.83 -30.17 30.88
N ASP B 169 -9.58 -30.62 30.76
CA ASP B 169 -9.30 -31.96 30.20
C ASP B 169 -9.91 -33.10 31.02
N SER B 170 -9.86 -32.99 32.34
CA SER B 170 -10.43 -34.05 33.16
C SER B 170 -11.92 -34.17 32.87
N LEU B 171 -12.58 -33.03 32.70
CA LEU B 171 -14.00 -33.09 32.45
C LEU B 171 -14.34 -33.59 31.06
N ARG B 172 -13.51 -33.29 30.08
CA ARG B 172 -13.77 -33.75 28.74
C ARG B 172 -13.56 -35.26 28.70
N ASP B 173 -12.63 -35.75 29.50
CA ASP B 173 -12.39 -37.19 29.56
C ASP B 173 -13.66 -37.81 30.13
N LEU B 174 -14.37 -37.07 30.93
CA LEU B 174 -15.60 -37.57 31.53
C LEU B 174 -16.82 -37.41 30.64
N ARG B 175 -17.06 -36.21 30.11
CA ARG B 175 -18.25 -35.98 29.29
C ARG B 175 -18.09 -35.72 27.78
N GLY B 176 -16.87 -35.82 27.24
CA GLY B 176 -16.71 -35.60 25.80
C GLY B 176 -16.15 -34.25 25.37
N SER B 177 -15.87 -34.12 24.08
CA SER B 177 -15.30 -32.91 23.54
C SER B 177 -16.16 -31.65 23.85
N GLY B 178 -17.46 -31.86 24.05
CA GLY B 178 -18.34 -30.75 24.34
C GLY B 178 -18.55 -30.45 25.83
N ALA B 179 -17.71 -30.98 26.70
CA ALA B 179 -17.88 -30.75 28.14
C ALA B 179 -18.12 -29.28 28.47
N ILE B 180 -17.24 -28.40 28.01
CA ILE B 180 -17.39 -26.97 28.23
C ILE B 180 -18.02 -26.51 26.94
N GLN B 181 -19.07 -25.73 27.05
CA GLN B 181 -19.85 -25.30 25.93
C GLN B 181 -19.50 -24.04 25.13
N THR B 182 -19.37 -22.92 25.83
CA THR B 182 -19.11 -21.63 25.19
C THR B 182 -17.81 -20.95 25.59
N ILE B 183 -17.39 -19.99 24.77
CA ILE B 183 -16.19 -19.24 25.05
C ILE B 183 -16.30 -18.55 26.40
N LYS B 184 -17.51 -18.15 26.76
CA LYS B 184 -17.76 -17.47 28.02
C LYS B 184 -17.36 -18.38 29.17
N GLN B 185 -17.77 -19.65 29.09
CA GLN B 185 -17.43 -20.64 30.14
C GLN B 185 -15.90 -20.89 30.17
N TYR B 186 -15.22 -20.96 29.01
CA TYR B 186 -13.77 -21.14 28.98
C TYR B 186 -13.04 -19.94 29.68
N ASN B 187 -13.51 -18.72 29.39
CA ASN B 187 -12.90 -17.52 29.95
C ASN B 187 -13.08 -17.54 31.46
N TYR B 188 -14.25 -17.99 31.91
CA TYR B 188 -14.56 -18.03 33.33
C TYR B 188 -13.54 -18.93 34.05
N LEU B 189 -13.32 -20.13 33.51
CA LEU B 189 -12.35 -21.08 34.09
C LEU B 189 -10.95 -20.48 34.15
N HIS B 190 -10.55 -19.80 33.09
CA HIS B 190 -9.25 -19.12 33.06
C HIS B 190 -9.56 -17.82 33.81
N GLU B 191 -9.04 -17.65 35.01
CA GLU B 191 -9.31 -16.43 35.79
C GLU B 191 -10.31 -16.65 36.92
N PHE B 192 -10.82 -17.87 37.05
CA PHE B 192 -11.74 -18.17 38.15
C PHE B 192 -11.01 -17.94 39.48
N ARG B 193 -9.73 -18.30 39.54
CA ARG B 193 -8.96 -18.13 40.76
C ARG B 193 -8.73 -16.65 41.07
N ASP B 194 -8.51 -15.83 40.04
CA ASP B 194 -8.30 -14.41 40.28
C ASP B 194 -9.65 -13.78 40.70
N LYS B 195 -10.75 -14.17 40.04
CA LYS B 195 -12.04 -13.62 40.40
C LYS B 195 -12.34 -13.97 41.84
N LEU B 196 -12.16 -15.24 42.16
CA LEU B 196 -12.40 -15.74 43.51
C LEU B 196 -11.49 -15.00 44.52
N ALA B 197 -10.22 -14.80 44.17
CA ALA B 197 -9.27 -14.10 45.06
C ALA B 197 -9.90 -12.76 45.47
N ALA B 198 -10.49 -12.07 44.51
CA ALA B 198 -11.18 -10.81 44.79
C ALA B 198 -12.13 -11.05 45.94
N HIS B 199 -11.57 -10.99 47.14
CA HIS B 199 -12.30 -11.20 48.39
C HIS B 199 -12.10 -9.98 49.30
N LEU B 200 -13.17 -9.22 49.47
CA LEU B 200 -13.11 -8.06 50.33
C LEU B 200 -13.74 -8.45 51.66
N GLU C 23 -16.39 25.55 15.06
CA GLU C 23 -17.67 25.71 15.82
C GLU C 23 -17.62 24.74 16.99
N GLN C 24 -17.38 23.47 16.65
CA GLN C 24 -17.24 22.42 17.64
C GLN C 24 -15.75 22.16 17.92
N THR C 25 -14.87 22.85 17.20
CA THR C 25 -13.44 22.73 17.47
C THR C 25 -13.18 23.69 18.64
N PRO C 26 -12.32 23.28 19.58
CA PRO C 26 -11.94 24.03 20.80
C PRO C 26 -11.91 25.57 20.72
N ILE C 27 -10.86 26.13 20.16
CA ILE C 27 -10.72 27.60 20.02
C ILE C 27 -9.26 27.96 19.70
N HIS C 28 -8.32 27.19 20.21
CA HIS C 28 -6.88 27.42 19.95
C HIS C 28 -6.19 28.73 20.30
N ILE C 29 -5.21 28.58 21.17
CA ILE C 29 -4.40 29.66 21.62
C ILE C 29 -2.99 29.34 21.11
N SER C 30 -2.30 30.33 20.56
CA SER C 30 -0.92 30.16 20.11
C SER C 30 -0.06 30.79 21.24
N TRP C 31 0.83 30.01 21.85
CA TRP C 31 1.68 30.45 22.95
C TRP C 31 3.05 31.00 22.48
N LEU C 32 3.26 32.29 22.72
CA LEU C 32 4.48 33.01 22.35
C LEU C 32 5.52 32.94 23.46
N SER C 33 6.67 32.32 23.20
CA SER C 33 7.73 32.21 24.18
C SER C 33 8.41 33.57 24.31
N LEU C 34 8.71 33.99 25.54
CA LEU C 34 9.35 35.29 25.75
C LEU C 34 10.82 35.14 26.16
N SER C 35 11.36 33.95 26.00
CA SER C 35 12.74 33.71 26.38
C SER C 35 13.68 34.62 25.61
N ARG C 36 13.35 34.91 24.35
CA ARG C 36 14.17 35.75 23.49
C ARG C 36 14.29 37.14 24.07
N VAL C 37 13.33 37.48 24.93
CA VAL C 37 13.29 38.80 25.54
C VAL C 37 13.65 38.63 27.01
N ASN C 38 14.21 37.46 27.27
CA ASN C 38 14.68 37.10 28.60
C ASN C 38 13.58 36.97 29.63
N CYS C 39 12.48 36.33 29.24
CA CYS C 39 11.35 36.08 30.14
C CYS C 39 11.02 34.58 30.12
N SER C 40 10.82 34.02 31.30
CA SER C 40 10.53 32.60 31.48
C SER C 40 9.13 32.16 31.04
N GLN C 41 8.24 33.12 30.92
CA GLN C 41 6.85 32.85 30.55
C GLN C 41 6.46 32.89 29.09
N PHE C 42 5.17 32.65 28.86
CA PHE C 42 4.58 32.63 27.53
C PHE C 42 3.35 33.50 27.44
N LEU C 43 3.16 34.19 26.31
CA LEU C 43 2.00 35.07 26.11
C LEU C 43 1.05 34.40 25.12
N GLY C 44 -0.22 34.28 25.47
CA GLY C 44 -1.17 33.67 24.54
C GLY C 44 -1.85 34.65 23.58
N LEU C 45 -2.11 34.18 22.37
CA LEU C 45 -2.79 34.94 21.33
C LEU C 45 -3.86 34.06 20.65
N CYS C 46 -5.07 34.60 20.46
CA CYS C 46 -6.14 33.85 19.73
C CYS C 46 -7.01 34.80 18.93
N ALA C 47 -7.98 34.23 18.22
CA ALA C 47 -8.92 35.01 17.45
C ALA C 47 -10.12 35.29 18.34
N LEU C 48 -10.99 36.19 17.91
CA LEU C 48 -12.16 36.59 18.69
C LEU C 48 -13.01 35.40 19.07
N PRO C 49 -13.08 35.09 20.37
CA PRO C 49 -13.87 33.97 20.92
C PRO C 49 -15.35 34.19 20.67
N GLY C 50 -16.06 33.11 20.33
CA GLY C 50 -17.50 33.19 20.11
C GLY C 50 -18.01 33.95 18.88
N CYS C 51 -17.10 34.31 17.99
CA CYS C 51 -17.49 35.07 16.80
C CYS C 51 -18.48 34.34 15.88
N LYS C 52 -19.50 35.07 15.44
CA LYS C 52 -20.50 34.55 14.51
C LYS C 52 -20.50 35.56 13.38
N PHE C 53 -19.87 35.20 12.26
CA PHE C 53 -19.80 36.10 11.11
C PHE C 53 -19.62 35.31 9.80
N LYS C 54 -20.61 35.44 8.92
CA LYS C 54 -20.65 34.75 7.63
C LYS C 54 -19.87 33.45 7.55
N ASP C 55 -20.58 32.34 7.66
CA ASP C 55 -19.94 31.03 7.57
C ASP C 55 -19.14 30.60 8.82
N VAL C 56 -18.69 31.57 9.63
CA VAL C 56 -17.97 31.27 10.87
C VAL C 56 -18.96 31.41 12.02
N ARG C 57 -19.33 30.29 12.63
CA ARG C 57 -20.29 30.34 13.72
C ARG C 57 -19.79 29.61 14.98
N ARG C 58 -19.45 30.39 16.01
CA ARG C 58 -18.96 29.81 17.25
C ARG C 58 -19.92 30.14 18.39
N ASN C 59 -19.69 29.56 19.56
CA ASN C 59 -20.53 29.78 20.72
C ASN C 59 -19.74 30.44 21.85
N VAL C 60 -20.07 31.70 22.15
CA VAL C 60 -19.32 32.45 23.15
C VAL C 60 -19.15 31.83 24.52
N GLN C 61 -20.20 31.22 25.06
CA GLN C 61 -20.05 30.60 26.39
C GLN C 61 -19.14 29.34 26.31
N LYS C 62 -19.26 28.57 25.21
CA LYS C 62 -18.39 27.41 25.04
C LYS C 62 -16.91 27.86 25.00
N ASP C 63 -16.60 28.86 24.19
CA ASP C 63 -15.24 29.38 24.08
C ASP C 63 -14.69 29.96 25.39
N THR C 64 -15.50 30.77 26.08
CA THR C 64 -15.07 31.38 27.34
C THR C 64 -14.76 30.28 28.38
N GLU C 65 -15.63 29.27 28.42
CA GLU C 65 -15.43 28.13 29.34
C GLU C 65 -14.16 27.36 28.96
N GLU C 66 -13.87 27.28 27.66
CA GLU C 66 -12.65 26.62 27.21
C GLU C 66 -11.46 27.45 27.68
N LEU C 67 -11.55 28.77 27.51
CA LEU C 67 -10.45 29.59 27.94
C LEU C 67 -10.26 29.46 29.48
N LYS C 68 -11.37 29.43 30.22
CA LYS C 68 -11.31 29.29 31.68
C LYS C 68 -10.61 27.98 32.05
N SER C 69 -11.02 26.92 31.38
CA SER C 69 -10.42 25.63 31.66
C SER C 69 -8.94 25.61 31.24
N CYS C 70 -8.50 26.55 30.41
CA CYS C 70 -7.09 26.56 30.01
C CYS C 70 -6.23 27.32 31.01
N GLY C 71 -6.85 27.78 32.10
CA GLY C 71 -6.11 28.47 33.14
C GLY C 71 -5.95 29.97 32.98
N ILE C 72 -6.57 30.53 31.94
CA ILE C 72 -6.48 31.96 31.68
C ILE C 72 -6.94 32.82 32.87
N GLN C 73 -6.09 33.76 33.32
CA GLN C 73 -6.46 34.64 34.44
C GLN C 73 -6.73 36.08 33.99
N ASP C 74 -6.10 36.49 32.88
CA ASP C 74 -6.27 37.84 32.31
C ASP C 74 -6.37 37.84 30.78
N ILE C 75 -7.31 38.61 30.23
CA ILE C 75 -7.50 38.69 28.78
C ILE C 75 -7.48 40.15 28.31
N PHE C 76 -6.72 40.42 27.28
CA PHE C 76 -6.61 41.75 26.74
C PHE C 76 -7.38 41.78 25.43
N VAL C 77 -8.32 42.71 25.30
CA VAL C 77 -9.16 42.83 24.12
C VAL C 77 -8.95 44.14 23.36
N PHE C 78 -8.49 44.05 22.12
CA PHE C 78 -8.25 45.24 21.33
C PHE C 78 -9.37 45.54 20.32
N CYS C 79 -10.42 44.72 20.34
CA CYS C 79 -11.59 44.91 19.50
C CYS C 79 -12.35 46.15 19.99
N THR C 80 -13.00 46.86 19.08
CA THR C 80 -13.78 48.03 19.50
C THR C 80 -15.14 47.52 19.94
N ARG C 81 -15.90 48.36 20.64
CA ARG C 81 -17.23 47.91 21.06
C ARG C 81 -18.11 47.66 19.79
N GLY C 82 -17.84 48.39 18.70
CA GLY C 82 -18.61 48.17 17.48
C GLY C 82 -18.43 46.75 16.94
N GLU C 83 -17.18 46.31 16.86
CA GLU C 83 -16.91 44.98 16.36
C GLU C 83 -17.57 43.92 17.25
N LEU C 84 -17.57 44.14 18.56
CA LEU C 84 -18.19 43.18 19.47
C LEU C 84 -19.66 42.91 19.12
N SER C 85 -20.36 43.96 18.71
CA SER C 85 -21.76 43.83 18.31
C SER C 85 -21.82 43.24 16.87
N LYS C 86 -21.04 43.78 15.95
CA LYS C 86 -21.04 43.30 14.57
C LYS C 86 -20.80 41.80 14.51
N TYR C 87 -19.94 41.33 15.40
CA TYR C 87 -19.60 39.93 15.41
C TYR C 87 -20.44 39.10 16.42
N ARG C 88 -21.53 39.70 16.88
CA ARG C 88 -22.44 39.02 17.78
C ARG C 88 -21.88 38.57 19.14
N VAL C 89 -20.99 39.36 19.75
CA VAL C 89 -20.48 39.04 21.07
C VAL C 89 -20.35 40.34 21.88
N PRO C 90 -21.45 41.12 21.94
CA PRO C 90 -21.52 42.39 22.65
C PRO C 90 -21.31 42.25 24.16
N ASN C 91 -21.57 41.08 24.71
CA ASN C 91 -21.34 40.92 26.14
C ASN C 91 -20.14 40.06 26.50
N LEU C 92 -19.24 39.93 25.53
CA LEU C 92 -17.99 39.22 25.69
C LEU C 92 -17.31 39.64 27.01
N LEU C 93 -17.10 40.94 27.19
CA LEU C 93 -16.42 41.47 28.38
C LEU C 93 -17.07 41.07 29.70
N ASP C 94 -18.40 41.03 29.75
CA ASP C 94 -19.07 40.61 30.98
C ASP C 94 -18.93 39.08 31.20
N LEU C 95 -19.03 38.28 30.14
CA LEU C 95 -18.90 36.82 30.23
C LEU C 95 -17.54 36.38 30.80
N TYR C 96 -16.47 36.99 30.32
CA TYR C 96 -15.12 36.67 30.81
C TYR C 96 -15.06 36.89 32.33
N GLN C 97 -15.68 37.95 32.83
CA GLN C 97 -15.62 38.24 34.28
C GLN C 97 -16.56 37.36 35.07
N GLN C 98 -17.58 36.83 34.40
CA GLN C 98 -18.51 35.94 35.05
C GLN C 98 -17.81 34.61 35.23
N CYS C 99 -16.70 34.44 34.50
CA CYS C 99 -15.89 33.22 34.59
C CYS C 99 -14.63 33.47 35.41
N GLY C 100 -14.60 34.57 36.14
CA GLY C 100 -13.47 34.92 36.98
C GLY C 100 -12.19 35.40 36.31
N ILE C 101 -12.28 35.85 35.05
CA ILE C 101 -11.11 36.32 34.33
C ILE C 101 -11.06 37.84 34.31
N ILE C 102 -9.94 38.41 34.76
CA ILE C 102 -9.77 39.88 34.74
C ILE C 102 -9.62 40.29 33.28
N THR C 103 -10.50 41.18 32.84
CA THR C 103 -10.58 41.67 31.47
C THR C 103 -9.97 43.05 31.31
N HIS C 104 -9.17 43.22 30.25
CA HIS C 104 -8.52 44.50 29.95
C HIS C 104 -8.93 44.96 28.55
N HIS C 105 -9.95 45.79 28.46
CA HIS C 105 -10.40 46.28 27.16
C HIS C 105 -9.66 47.55 26.72
N HIS C 106 -8.86 47.43 25.66
CA HIS C 106 -8.09 48.57 25.12
C HIS C 106 -8.36 48.65 23.61
N PRO C 107 -9.52 49.18 23.21
CA PRO C 107 -9.75 49.23 21.78
C PRO C 107 -8.71 49.94 20.91
N ILE C 108 -8.48 49.34 19.74
CA ILE C 108 -7.56 49.85 18.74
C ILE C 108 -8.41 49.70 17.48
N ALA C 109 -8.49 50.76 16.70
CA ALA C 109 -9.32 50.67 15.50
C ALA C 109 -8.85 49.58 14.52
N ASP C 110 -9.79 48.79 14.00
CA ASP C 110 -9.45 47.73 13.07
C ASP C 110 -8.67 48.39 11.94
N GLY C 111 -7.50 47.87 11.64
CA GLY C 111 -6.70 48.48 10.60
C GLY C 111 -5.79 49.58 11.13
N GLY C 112 -6.07 50.13 12.32
CA GLY C 112 -5.24 51.19 12.88
C GLY C 112 -4.22 50.78 13.94
N THR C 113 -3.64 51.76 14.64
CA THR C 113 -2.61 51.54 15.69
C THR C 113 -2.98 52.31 16.95
N PRO C 114 -2.54 51.86 18.14
CA PRO C 114 -2.89 52.57 19.38
C PRO C 114 -2.07 53.83 19.55
N ASP C 115 -2.62 54.77 20.30
CA ASP C 115 -1.91 56.01 20.58
C ASP C 115 -0.87 55.66 21.63
N ILE C 116 0.20 56.45 21.69
CA ILE C 116 1.27 56.23 22.66
C ILE C 116 0.79 56.16 24.12
N ALA C 117 -0.27 56.86 24.45
CA ALA C 117 -0.76 56.85 25.83
C ALA C 117 -1.48 55.52 26.15
N SER C 118 -2.28 55.06 25.20
CA SER C 118 -3.00 53.80 25.35
C SER C 118 -1.96 52.68 25.28
N CYS C 119 -1.11 52.75 24.26
CA CYS C 119 -0.07 51.73 24.06
C CYS C 119 0.76 51.55 25.34
N CYS C 120 1.01 52.67 26.02
CA CYS C 120 1.80 52.63 27.25
C CYS C 120 1.09 51.90 28.36
N GLU C 121 -0.23 52.12 28.48
CA GLU C 121 -1.02 51.46 29.51
C GLU C 121 -0.96 49.98 29.28
N ILE C 122 -1.10 49.59 28.02
CA ILE C 122 -1.12 48.17 27.67
C ILE C 122 0.20 47.52 28.02
N MET C 123 1.32 48.15 27.64
CA MET C 123 2.62 47.57 27.96
C MET C 123 2.77 47.38 29.47
N GLU C 124 2.29 48.35 30.24
CA GLU C 124 2.41 48.30 31.69
C GLU C 124 1.55 47.23 32.33
N GLU C 125 0.29 47.16 31.93
CA GLU C 125 -0.62 46.15 32.47
C GLU C 125 -0.12 44.74 32.14
N LEU C 126 0.38 44.56 30.91
CA LEU C 126 0.88 43.25 30.53
C LEU C 126 2.09 42.85 31.37
N THR C 127 3.03 43.78 31.49
CA THR C 127 4.24 43.52 32.24
C THR C 127 3.88 43.14 33.66
N THR C 128 2.94 43.84 34.25
CA THR C 128 2.52 43.54 35.60
C THR C 128 1.89 42.14 35.71
N CYS C 129 1.25 41.67 34.62
CA CYS C 129 0.65 40.35 34.65
C CYS C 129 1.76 39.32 34.63
N LEU C 130 2.77 39.56 33.80
CA LEU C 130 3.87 38.63 33.67
C LEU C 130 4.68 38.54 34.96
N LYS C 131 5.20 39.68 35.44
CA LYS C 131 5.98 39.64 36.67
C LYS C 131 5.15 39.09 37.85
N ASN C 132 3.82 39.01 37.69
CA ASN C 132 2.96 38.46 38.75
C ASN C 132 2.58 37.03 38.40
N TYR C 133 3.17 36.48 37.36
CA TYR C 133 2.90 35.12 36.92
C TYR C 133 1.42 34.82 36.70
N ARG C 134 0.73 35.77 36.05
CA ARG C 134 -0.69 35.60 35.73
C ARG C 134 -0.77 35.03 34.30
N LYS C 135 -1.56 33.97 34.11
CA LYS C 135 -1.74 33.35 32.81
C LYS C 135 -2.46 34.38 31.93
N THR C 136 -1.78 34.91 30.94
CA THR C 136 -2.31 35.98 30.09
C THR C 136 -2.51 35.66 28.61
N LEU C 137 -3.63 36.14 28.08
CA LEU C 137 -4.02 35.93 26.68
C LEU C 137 -4.50 37.24 26.07
N ILE C 138 -4.12 37.52 24.82
CA ILE C 138 -4.56 38.75 24.13
C ILE C 138 -5.21 38.41 22.79
N HIS C 139 -6.07 39.32 22.30
CA HIS C 139 -6.72 39.09 21.02
C HIS C 139 -7.46 40.30 20.45
N SER C 140 -7.60 40.30 19.14
CA SER C 140 -8.34 41.32 18.43
C SER C 140 -9.46 40.52 17.72
N TYR C 141 -9.64 40.74 16.42
CA TYR C 141 -10.67 40.01 15.69
C TYR C 141 -10.03 38.81 15.01
N GLY C 142 -9.12 39.06 14.08
CA GLY C 142 -8.49 37.95 13.41
C GLY C 142 -7.12 37.51 13.89
N GLY C 143 -6.62 38.10 14.95
CA GLY C 143 -5.28 37.68 15.37
C GLY C 143 -4.21 37.51 14.28
N LEU C 144 -3.86 38.61 13.62
CA LEU C 144 -2.81 38.57 12.61
C LEU C 144 -2.41 40.04 12.41
N GLY C 145 -3.21 40.91 12.98
CA GLY C 145 -2.94 42.33 12.86
C GLY C 145 -2.64 43.00 14.19
N ARG C 146 -3.67 43.56 14.83
CA ARG C 146 -3.51 44.28 16.08
C ARG C 146 -2.83 43.51 17.23
N SER C 147 -3.26 42.28 17.44
CA SER C 147 -2.70 41.45 18.50
C SER C 147 -1.22 41.26 18.31
N CYS C 148 -0.82 40.86 17.10
CA CYS C 148 0.57 40.64 16.83
C CYS C 148 1.32 41.95 16.99
N LEU C 149 0.70 43.06 16.59
CA LEU C 149 1.34 44.37 16.70
C LEU C 149 1.65 44.74 18.18
N VAL C 150 0.71 44.48 19.07
CA VAL C 150 0.87 44.76 20.51
C VAL C 150 1.89 43.83 21.11
N ALA C 151 1.84 42.52 20.79
CA ALA C 151 2.85 41.56 21.30
C ALA C 151 4.24 41.99 20.80
N ALA C 152 4.35 42.30 19.52
CA ALA C 152 5.66 42.73 19.02
C ALA C 152 6.15 44.00 19.76
N CYS C 153 5.22 44.86 20.18
CA CYS C 153 5.59 46.05 20.93
C CYS C 153 6.10 45.65 22.30
N LEU C 154 5.46 44.68 22.93
CA LEU C 154 5.90 44.24 24.24
C LEU C 154 7.33 43.68 24.15
N LEU C 155 7.64 42.93 23.10
CA LEU C 155 9.01 42.38 22.97
C LEU C 155 9.98 43.57 22.96
N LEU C 156 9.65 44.59 22.16
CA LEU C 156 10.47 45.78 22.07
C LEU C 156 10.62 46.43 23.44
N TYR C 157 9.52 46.42 24.20
CA TYR C 157 9.42 46.99 25.54
C TYR C 157 10.24 46.25 26.58
N LEU C 158 10.23 44.93 26.49
CA LEU C 158 10.96 44.16 27.47
C LEU C 158 12.46 44.08 27.22
N SER C 159 12.89 44.23 25.97
CA SER C 159 14.31 44.17 25.66
C SER C 159 14.80 45.37 24.86
N ASP C 160 16.04 45.74 25.09
CA ASP C 160 16.65 46.88 24.40
C ASP C 160 17.52 46.45 23.23
N THR C 161 17.69 45.15 23.06
CA THR C 161 18.55 44.65 21.99
C THR C 161 17.84 44.01 20.82
N ILE C 162 16.54 43.81 20.94
CA ILE C 162 15.79 43.19 19.87
C ILE C 162 15.38 44.23 18.83
N SER C 163 15.52 43.88 17.56
CA SER C 163 15.15 44.78 16.48
C SER C 163 13.69 44.58 16.10
N PRO C 164 13.07 45.62 15.52
CA PRO C 164 11.67 45.50 15.12
C PRO C 164 11.46 44.36 14.12
N GLU C 165 12.48 44.13 13.30
CA GLU C 165 12.47 43.06 12.29
C GLU C 165 12.43 41.67 13.00
N GLN C 166 13.17 41.54 14.10
CA GLN C 166 13.19 40.26 14.83
C GLN C 166 11.84 40.06 15.52
N ALA C 167 11.31 41.12 16.11
CA ALA C 167 10.01 41.05 16.77
C ALA C 167 8.98 40.50 15.77
N ILE C 168 9.02 41.03 14.56
CA ILE C 168 8.09 40.60 13.51
C ILE C 168 8.33 39.12 13.17
N ASP C 169 9.60 38.69 13.19
CA ASP C 169 9.95 37.32 12.89
C ASP C 169 9.31 36.42 13.93
N SER C 170 9.39 36.82 15.19
CA SER C 170 8.78 36.02 16.25
C SER C 170 7.29 35.85 16.07
N LEU C 171 6.57 36.92 15.75
CA LEU C 171 5.13 36.78 15.56
C LEU C 171 4.80 36.04 14.24
N ARG C 172 5.68 36.09 13.25
CA ARG C 172 5.46 35.36 11.99
C ARG C 172 5.62 33.87 12.33
N ASP C 173 6.66 33.53 13.09
CA ASP C 173 6.83 32.13 13.51
C ASP C 173 5.61 31.69 14.32
N LEU C 174 5.04 32.60 15.11
CA LEU C 174 3.89 32.24 15.91
C LEU C 174 2.59 32.15 15.13
N ARG C 175 2.25 33.20 14.40
CA ARG C 175 0.95 33.20 13.72
C ARG C 175 0.89 32.96 12.22
N GLY C 176 2.03 32.92 11.56
CA GLY C 176 2.07 32.72 10.12
C GLY C 176 2.75 33.89 9.42
N SER C 177 3.20 33.64 8.19
CA SER C 177 3.91 34.66 7.43
C SER C 177 3.13 35.93 7.14
N GLY C 178 1.83 35.92 7.40
CA GLY C 178 1.04 37.10 7.16
C GLY C 178 0.82 37.94 8.40
N ALA C 179 1.60 37.71 9.45
CA ALA C 179 1.47 38.47 10.70
C ALA C 179 1.46 40.01 10.51
N ILE C 180 2.38 40.71 11.15
CA ILE C 180 2.44 42.15 11.03
C ILE C 180 2.76 42.50 9.56
N GLN C 181 1.78 42.50 8.67
CA GLN C 181 2.10 42.77 7.26
C GLN C 181 1.79 44.14 6.64
N THR C 182 0.95 44.97 7.26
CA THR C 182 0.62 46.27 6.69
C THR C 182 1.75 47.28 6.93
N ILE C 183 1.97 48.23 6.00
CA ILE C 183 3.04 49.22 6.19
C ILE C 183 2.73 50.07 7.45
N LYS C 184 1.45 50.33 7.66
CA LYS C 184 1.06 51.10 8.82
C LYS C 184 1.66 50.44 10.06
N GLN C 185 1.51 49.12 10.17
CA GLN C 185 2.00 48.36 11.33
C GLN C 185 3.53 48.32 11.41
N TYR C 186 4.18 47.99 10.29
CA TYR C 186 5.66 47.99 10.17
C TYR C 186 6.20 49.35 10.58
N ASN C 187 5.55 50.41 10.11
CA ASN C 187 5.98 51.77 10.45
C ASN C 187 5.82 52.03 11.95
N TYR C 188 4.72 51.55 12.53
CA TYR C 188 4.50 51.76 13.95
C TYR C 188 5.59 51.15 14.82
N LEU C 189 5.91 49.90 14.54
CA LEU C 189 6.93 49.18 15.30
C LEU C 189 8.27 49.91 15.26
N HIS C 190 8.61 50.45 14.09
CA HIS C 190 9.83 51.21 14.01
C HIS C 190 9.26 52.52 14.53
N GLU C 191 10.06 53.28 15.25
CA GLU C 191 9.60 54.55 15.83
C GLU C 191 8.76 54.39 17.11
N PHE C 192 8.42 53.15 17.50
CA PHE C 192 7.70 52.96 18.76
C PHE C 192 8.64 53.32 19.92
N ARG C 193 9.86 52.82 19.89
CA ARG C 193 10.79 53.12 20.96
C ARG C 193 10.92 54.63 21.17
N ASP C 194 11.01 55.36 20.07
CA ASP C 194 11.14 56.80 20.13
C ASP C 194 9.88 57.52 20.64
N LYS C 195 8.69 57.13 20.18
CA LYS C 195 7.46 57.77 20.66
C LYS C 195 7.28 57.44 22.12
N LEU C 196 7.72 56.25 22.50
CA LEU C 196 7.59 55.82 23.90
C LEU C 196 8.60 56.56 24.76
N ALA C 197 9.87 56.56 24.34
CA ALA C 197 10.91 57.23 25.09
C ALA C 197 10.33 58.59 25.47
N ALA C 198 9.55 59.17 24.56
CA ALA C 198 8.95 60.45 24.82
C ALA C 198 7.73 60.40 25.72
N HIS C 199 7.90 60.04 26.99
CA HIS C 199 6.73 60.12 27.83
C HIS C 199 6.97 60.92 29.09
N LEU C 200 8.22 61.09 29.47
CA LEU C 200 8.60 61.86 30.65
C LEU C 200 7.69 63.02 31.06
N GLU D 23 13.70 -42.47 -1.12
CA GLU D 23 14.85 -42.48 -2.07
C GLU D 23 15.13 -41.07 -2.52
N GLN D 24 14.35 -40.62 -3.49
CA GLN D 24 14.52 -39.27 -3.99
C GLN D 24 13.50 -38.43 -3.23
N THR D 25 13.32 -38.78 -1.97
CA THR D 25 12.41 -38.10 -1.02
C THR D 25 13.27 -37.14 -0.18
N PRO D 26 12.98 -35.82 -0.22
CA PRO D 26 13.69 -34.78 0.51
C PRO D 26 14.45 -35.22 1.77
N ILE D 27 13.69 -35.47 2.84
CA ILE D 27 14.26 -35.90 4.13
C ILE D 27 13.20 -35.68 5.22
N HIS D 28 12.58 -34.52 5.18
CA HIS D 28 11.52 -34.10 6.11
C HIS D 28 11.84 -33.85 7.57
N ILE D 29 11.56 -32.61 7.96
CA ILE D 29 11.74 -32.12 9.32
C ILE D 29 10.38 -31.75 9.86
N SER D 30 10.11 -32.19 11.08
CA SER D 30 8.87 -31.89 11.78
C SER D 30 9.17 -30.70 12.68
N TRP D 31 8.42 -29.60 12.55
CA TRP D 31 8.72 -28.44 13.40
C TRP D 31 7.77 -28.28 14.63
N LEU D 32 8.35 -28.38 15.83
CA LEU D 32 7.64 -28.26 17.11
C LEU D 32 7.50 -26.80 17.59
N SER D 33 6.27 -26.35 17.72
CA SER D 33 6.04 -25.01 18.18
C SER D 33 6.34 -25.01 19.67
N LEU D 34 7.05 -23.99 20.15
CA LEU D 34 7.36 -23.96 21.57
C LEU D 34 6.53 -22.88 22.28
N SER D 35 5.56 -22.31 21.60
CA SER D 35 4.74 -21.28 22.20
C SER D 35 4.01 -21.77 23.45
N ARG D 36 3.62 -23.03 23.47
CA ARG D 36 2.92 -23.55 24.63
C ARG D 36 3.82 -23.54 25.85
N VAL D 37 5.11 -23.30 25.63
CA VAL D 37 6.11 -23.28 26.68
C VAL D 37 6.64 -21.85 26.75
N ASN D 38 5.87 -20.93 26.16
CA ASN D 38 6.22 -19.51 26.16
C ASN D 38 7.45 -19.17 25.32
N CYS D 39 7.63 -19.83 24.18
CA CYS D 39 8.77 -19.54 23.31
C CYS D 39 8.29 -19.27 21.90
N SER D 40 8.80 -18.18 21.32
CA SER D 40 8.41 -17.73 19.99
C SER D 40 8.92 -18.64 18.89
N GLN D 41 9.90 -19.46 19.22
CA GLN D 41 10.51 -20.35 18.24
C GLN D 41 10.01 -21.79 18.05
N PHE D 42 10.65 -22.48 17.10
CA PHE D 42 10.34 -23.87 16.75
C PHE D 42 11.55 -24.77 16.85
N LEU D 43 11.35 -26.04 17.21
CA LEU D 43 12.47 -27.00 17.31
C LEU D 43 12.21 -28.13 16.30
N GLY D 44 13.18 -28.37 15.43
CA GLY D 44 13.02 -29.41 14.43
C GLY D 44 13.42 -30.78 14.91
N LEU D 45 12.76 -31.79 14.35
CA LEU D 45 13.03 -33.21 14.65
C LEU D 45 12.95 -33.96 13.30
N CYS D 46 13.88 -34.89 13.09
CA CYS D 46 13.88 -35.70 11.87
C CYS D 46 14.42 -37.10 12.18
N ALA D 47 14.42 -37.99 11.21
CA ALA D 47 14.94 -39.34 11.38
C ALA D 47 16.41 -39.30 10.92
N LEU D 48 17.18 -40.35 11.20
CA LEU D 48 18.60 -40.41 10.81
C LEU D 48 18.85 -40.10 9.34
N PRO D 49 19.44 -38.92 9.05
CA PRO D 49 19.74 -38.55 7.66
C PRO D 49 20.80 -39.48 7.01
N GLY D 50 20.59 -39.83 5.74
CA GLY D 50 21.51 -40.67 5.00
C GLY D 50 21.55 -42.14 5.39
N CYS D 51 20.57 -42.58 6.17
CA CYS D 51 20.50 -43.97 6.62
C CYS D 51 20.28 -44.96 5.48
N LYS D 52 21.06 -46.03 5.51
CA LYS D 52 20.96 -47.12 4.54
C LYS D 52 20.84 -48.36 5.40
N PHE D 53 19.64 -48.91 5.48
CA PHE D 53 19.43 -50.07 6.30
C PHE D 53 18.21 -50.84 5.81
N LYS D 54 18.44 -52.08 5.38
CA LYS D 54 17.39 -52.98 4.90
C LYS D 54 16.22 -52.30 4.19
N ASP D 55 16.29 -52.22 2.86
CA ASP D 55 15.23 -51.62 2.06
C ASP D 55 15.13 -50.09 2.17
N VAL D 56 15.76 -49.51 3.19
CA VAL D 56 15.78 -48.05 3.36
C VAL D 56 17.15 -47.55 2.92
N ARG D 57 17.21 -46.90 1.76
CA ARG D 57 18.49 -46.40 1.24
C ARG D 57 18.49 -44.90 0.95
N ARG D 58 19.19 -44.11 1.77
CA ARG D 58 19.25 -42.67 1.55
C ARG D 58 20.69 -42.32 1.19
N ASN D 59 20.93 -41.04 0.87
CA ASN D 59 22.28 -40.58 0.52
C ASN D 59 22.67 -39.46 1.47
N VAL D 60 23.68 -39.73 2.29
CA VAL D 60 24.12 -38.79 3.31
C VAL D 60 24.42 -37.37 2.85
N GLN D 61 25.17 -37.24 1.76
CA GLN D 61 25.54 -35.92 1.24
C GLN D 61 24.29 -35.15 0.77
N LYS D 62 23.38 -35.84 0.07
CA LYS D 62 22.13 -35.22 -0.38
C LYS D 62 21.32 -34.70 0.80
N ASP D 63 21.18 -35.52 1.84
CA ASP D 63 20.39 -35.11 3.00
C ASP D 63 21.03 -33.96 3.74
N THR D 64 22.33 -34.02 3.95
CA THR D 64 23.05 -32.96 4.64
C THR D 64 22.89 -31.59 3.91
N GLU D 65 23.01 -31.59 2.59
CA GLU D 65 22.85 -30.36 1.80
C GLU D 65 21.38 -29.92 1.88
N GLU D 66 20.49 -30.89 2.05
CA GLU D 66 19.09 -30.55 2.15
C GLU D 66 18.92 -29.81 3.48
N LEU D 67 19.53 -30.33 4.55
CA LEU D 67 19.39 -29.70 5.85
C LEU D 67 20.05 -28.32 5.87
N LYS D 68 21.20 -28.19 5.20
CA LYS D 68 21.90 -26.91 5.15
C LYS D 68 21.03 -25.91 4.40
N SER D 69 20.41 -26.36 3.32
CA SER D 69 19.55 -25.50 2.52
C SER D 69 18.28 -25.10 3.29
N CYS D 70 17.93 -25.88 4.33
CA CYS D 70 16.76 -25.59 5.13
C CYS D 70 17.10 -24.55 6.21
N GLY D 71 18.35 -24.07 6.19
CA GLY D 71 18.78 -23.05 7.13
C GLY D 71 19.26 -23.54 8.48
N ILE D 72 19.45 -24.86 8.62
CA ILE D 72 19.90 -25.42 9.89
C ILE D 72 21.30 -24.94 10.35
N GLN D 73 21.39 -24.46 11.58
CA GLN D 73 22.65 -23.97 12.11
C GLN D 73 23.28 -24.91 13.16
N ASP D 74 22.45 -25.68 13.85
CA ASP D 74 22.90 -26.59 14.89
C ASP D 74 22.10 -27.91 14.90
N ILE D 75 22.80 -29.05 15.04
CA ILE D 75 22.14 -30.36 15.06
C ILE D 75 22.57 -31.24 16.24
N PHE D 76 21.59 -31.74 17.01
CA PHE D 76 21.87 -32.60 18.15
C PHE D 76 21.64 -34.02 17.68
N VAL D 77 22.65 -34.86 17.91
CA VAL D 77 22.62 -36.27 17.52
C VAL D 77 22.64 -37.15 18.77
N PHE D 78 21.63 -37.98 18.95
CA PHE D 78 21.55 -38.86 20.11
C PHE D 78 21.92 -40.30 19.78
N CYS D 79 22.24 -40.57 18.52
CA CYS D 79 22.64 -41.92 18.10
C CYS D 79 24.05 -42.26 18.55
N THR D 80 24.27 -43.53 18.88
CA THR D 80 25.56 -44.01 19.36
C THR D 80 26.55 -44.11 18.20
N ARG D 81 27.84 -44.18 18.53
CA ARG D 81 28.87 -44.31 17.51
C ARG D 81 28.59 -45.58 16.75
N GLY D 82 28.12 -46.60 17.47
CA GLY D 82 27.81 -47.87 16.86
C GLY D 82 26.73 -47.81 15.80
N GLU D 83 25.63 -47.13 16.12
CA GLU D 83 24.54 -47.00 15.18
C GLU D 83 25.02 -46.28 13.93
N LEU D 84 25.78 -45.20 14.09
CA LEU D 84 26.26 -44.48 12.92
C LEU D 84 26.95 -45.43 11.95
N SER D 85 27.72 -46.37 12.48
CA SER D 85 28.40 -47.35 11.64
C SER D 85 27.42 -48.38 11.08
N LYS D 86 26.62 -49.00 11.94
CA LYS D 86 25.70 -50.01 11.44
C LYS D 86 24.74 -49.49 10.38
N TYR D 87 24.35 -48.22 10.46
CA TYR D 87 23.44 -47.68 9.47
C TYR D 87 24.15 -46.93 8.36
N ARG D 88 25.44 -47.21 8.21
CA ARG D 88 26.27 -46.65 7.14
C ARG D 88 26.46 -45.14 7.03
N VAL D 89 26.64 -44.43 8.14
CA VAL D 89 26.86 -42.99 8.11
C VAL D 89 27.83 -42.63 9.22
N PRO D 90 28.96 -43.37 9.33
CA PRO D 90 29.99 -43.17 10.36
C PRO D 90 30.58 -41.77 10.32
N ASN D 91 30.49 -41.17 9.13
CA ASN D 91 31.01 -39.83 8.86
C ASN D 91 29.99 -38.71 8.99
N LEU D 92 28.80 -39.05 9.51
CA LEU D 92 27.74 -38.08 9.69
C LEU D 92 28.20 -36.78 10.34
N LEU D 93 28.80 -36.91 11.52
CA LEU D 93 29.24 -35.74 12.30
C LEU D 93 30.24 -34.83 11.58
N ASP D 94 31.17 -35.40 10.81
CA ASP D 94 32.13 -34.58 10.10
C ASP D 94 31.46 -33.90 8.89
N LEU D 95 30.54 -34.59 8.20
CA LEU D 95 29.84 -33.99 7.06
C LEU D 95 29.05 -32.74 7.45
N TYR D 96 28.36 -32.81 8.59
CA TYR D 96 27.57 -31.66 9.05
C TYR D 96 28.50 -30.45 9.19
N GLN D 97 29.68 -30.69 9.76
CA GLN D 97 30.66 -29.64 10.00
C GLN D 97 31.27 -29.13 8.70
N GLN D 98 31.31 -30.00 7.70
CA GLN D 98 31.81 -29.64 6.38
C GLN D 98 30.77 -28.73 5.70
N CYS D 99 29.55 -28.74 6.20
CA CYS D 99 28.49 -27.91 5.67
C CYS D 99 28.22 -26.70 6.58
N GLY D 100 29.14 -26.46 7.49
CA GLY D 100 29.03 -25.33 8.41
C GLY D 100 28.01 -25.43 9.54
N ILE D 101 27.56 -26.65 9.82
CA ILE D 101 26.59 -26.87 10.89
C ILE D 101 27.25 -27.29 12.19
N ILE D 102 26.99 -26.57 13.28
CA ILE D 102 27.55 -26.94 14.58
C ILE D 102 26.84 -28.19 15.06
N THR D 103 27.65 -29.22 15.29
CA THR D 103 27.20 -30.56 15.69
C THR D 103 27.37 -30.85 17.17
N HIS D 104 26.30 -31.23 17.84
CA HIS D 104 26.33 -31.55 19.28
C HIS D 104 26.01 -33.03 19.46
N HIS D 105 27.05 -33.87 19.52
CA HIS D 105 26.84 -35.30 19.67
C HIS D 105 26.65 -35.72 21.14
N HIS D 106 25.45 -36.15 21.52
CA HIS D 106 25.17 -36.57 22.88
C HIS D 106 24.54 -37.97 22.89
N PRO D 107 25.36 -39.03 22.76
CA PRO D 107 24.85 -40.40 22.75
C PRO D 107 23.90 -40.83 23.88
N ILE D 108 22.80 -41.50 23.49
CA ILE D 108 21.82 -42.05 24.40
C ILE D 108 21.61 -43.45 23.85
N ALA D 109 21.82 -44.46 24.67
CA ALA D 109 21.64 -45.83 24.21
C ALA D 109 20.26 -46.07 23.56
N ASP D 110 20.26 -46.78 22.43
CA ASP D 110 19.03 -47.12 21.74
C ASP D 110 18.14 -47.81 22.79
N GLY D 111 16.90 -47.37 22.91
CA GLY D 111 16.07 -47.96 23.93
C GLY D 111 16.35 -47.42 25.33
N GLY D 112 17.46 -46.73 25.55
CA GLY D 112 17.73 -46.20 26.89
C GLY D 112 17.36 -44.74 27.13
N THR D 113 17.86 -44.15 28.22
CA THR D 113 17.58 -42.74 28.57
C THR D 113 18.89 -42.08 29.00
N PRO D 114 19.03 -40.76 28.81
CA PRO D 114 20.28 -40.10 29.21
C PRO D 114 20.39 -39.93 30.70
N ASP D 115 21.61 -39.87 31.20
CA ASP D 115 21.85 -39.67 32.63
C ASP D 115 21.62 -38.20 32.95
N ILE D 116 21.37 -37.90 34.22
CA ILE D 116 21.08 -36.53 34.63
C ILE D 116 22.15 -35.54 34.19
N ALA D 117 23.41 -35.96 34.23
CA ALA D 117 24.51 -35.09 33.85
C ALA D 117 24.46 -34.75 32.37
N SER D 118 24.28 -35.77 31.54
CA SER D 118 24.22 -35.57 30.09
C SER D 118 22.92 -34.83 29.72
N CYS D 119 21.80 -35.33 30.21
CA CYS D 119 20.52 -34.70 29.90
C CYS D 119 20.56 -33.21 30.30
N CYS D 120 21.31 -32.92 31.34
CA CYS D 120 21.50 -31.57 31.88
C CYS D 120 22.19 -30.68 30.84
N GLU D 121 23.28 -31.18 30.27
CA GLU D 121 24.03 -30.44 29.26
C GLU D 121 23.19 -30.17 28.02
N ILE D 122 22.44 -31.19 27.62
CA ILE D 122 21.62 -31.10 26.43
C ILE D 122 20.60 -29.97 26.60
N MET D 123 19.95 -29.91 27.76
CA MET D 123 18.94 -28.88 27.99
C MET D 123 19.56 -27.49 27.96
N GLU D 124 20.81 -27.37 28.41
CA GLU D 124 21.47 -26.07 28.41
C GLU D 124 21.90 -25.69 27.01
N GLU D 125 22.54 -26.62 26.30
CA GLU D 125 22.99 -26.33 24.95
C GLU D 125 21.79 -25.98 24.06
N LEU D 126 20.66 -26.66 24.25
CA LEU D 126 19.46 -26.36 23.43
C LEU D 126 18.92 -24.97 23.72
N THR D 127 18.77 -24.66 25.02
CA THR D 127 18.23 -23.37 25.42
C THR D 127 19.14 -22.25 24.90
N THR D 128 20.45 -22.47 24.94
CA THR D 128 21.40 -21.46 24.46
C THR D 128 21.16 -21.19 22.98
N CYS D 129 20.97 -22.25 22.21
CA CYS D 129 20.70 -22.08 20.80
C CYS D 129 19.39 -21.29 20.65
N LEU D 130 18.38 -21.64 21.42
CA LEU D 130 17.11 -20.92 21.31
C LEU D 130 17.24 -19.42 21.56
N LYS D 131 17.73 -19.11 22.76
CA LYS D 131 17.89 -17.73 23.17
C LYS D 131 18.81 -16.95 22.23
N ASN D 132 19.55 -17.67 21.39
CA ASN D 132 20.42 -16.99 20.44
C ASN D 132 19.87 -17.09 19.02
N TYR D 133 18.62 -17.54 18.94
CA TYR D 133 17.92 -17.66 17.68
C TYR D 133 18.63 -18.48 16.61
N ARG D 134 19.22 -19.60 17.03
CA ARG D 134 19.91 -20.52 16.13
C ARG D 134 18.90 -21.52 15.58
N LYS D 135 18.81 -21.67 14.27
CA LYS D 135 17.88 -22.65 13.75
C LYS D 135 18.41 -24.03 14.19
N THR D 136 17.63 -24.73 14.98
CA THR D 136 18.09 -26.03 15.52
C THR D 136 17.23 -27.25 15.25
N LEU D 137 17.90 -28.38 14.99
CA LEU D 137 17.27 -29.67 14.67
C LEU D 137 17.89 -30.80 15.53
N ILE D 138 17.06 -31.77 15.98
CA ILE D 138 17.59 -32.90 16.75
C ILE D 138 17.09 -34.22 16.18
N HIS D 139 17.84 -35.29 16.42
CA HIS D 139 17.42 -36.61 15.93
C HIS D 139 18.14 -37.79 16.57
N SER D 140 17.48 -38.94 16.55
CA SER D 140 18.07 -40.17 17.04
C SER D 140 18.10 -41.06 15.76
N TYR D 141 17.66 -42.32 15.83
CA TYR D 141 17.62 -43.16 14.61
C TYR D 141 16.23 -43.04 13.93
N GLY D 142 15.20 -43.52 14.63
CA GLY D 142 13.86 -43.46 14.08
C GLY D 142 12.99 -42.29 14.50
N GLY D 143 13.51 -41.35 15.25
CA GLY D 143 12.63 -40.25 15.64
C GLY D 143 11.19 -40.55 16.09
N LEU D 144 11.08 -41.21 17.24
CA LEU D 144 9.79 -41.56 17.82
C LEU D 144 10.13 -41.91 19.26
N GLY D 145 11.43 -42.14 19.49
CA GLY D 145 11.89 -42.52 20.80
C GLY D 145 12.71 -41.43 21.46
N ARG D 146 14.03 -41.59 21.43
CA ARG D 146 14.97 -40.67 22.06
C ARG D 146 14.80 -39.17 21.81
N SER D 147 14.67 -38.79 20.54
CA SER D 147 14.48 -37.39 20.20
C SER D 147 13.21 -36.85 20.82
N CYS D 148 12.13 -37.63 20.77
CA CYS D 148 10.88 -37.16 21.32
C CYS D 148 11.06 -37.02 22.82
N LEU D 149 11.77 -37.97 23.41
CA LEU D 149 11.99 -37.92 24.87
C LEU D 149 12.74 -36.61 25.29
N VAL D 150 13.79 -36.23 24.55
CA VAL D 150 14.60 -35.04 24.85
C VAL D 150 13.79 -33.76 24.61
N ALA D 151 13.07 -33.71 23.49
CA ALA D 151 12.20 -32.57 23.19
C ALA D 151 11.20 -32.38 24.32
N ALA D 152 10.57 -33.48 24.74
CA ALA D 152 9.58 -33.38 25.82
C ALA D 152 10.25 -32.93 27.13
N CYS D 153 11.51 -33.31 27.32
CA CYS D 153 12.27 -32.91 28.51
C CYS D 153 12.48 -31.37 28.45
N LEU D 154 12.90 -30.85 27.30
CA LEU D 154 13.10 -29.41 27.16
C LEU D 154 11.81 -28.70 27.56
N LEU D 155 10.65 -29.15 27.09
CA LEU D 155 9.38 -28.49 27.40
C LEU D 155 9.26 -28.37 28.90
N LEU D 156 9.44 -29.50 29.58
CA LEU D 156 9.36 -29.53 31.04
C LEU D 156 10.39 -28.53 31.60
N TYR D 157 11.54 -28.45 30.95
CA TYR D 157 12.64 -27.55 31.34
C TYR D 157 12.31 -26.05 31.16
N LEU D 158 11.68 -25.70 30.04
CA LEU D 158 11.34 -24.31 29.78
C LEU D 158 10.07 -23.83 30.48
N SER D 159 9.25 -24.77 30.96
CA SER D 159 7.99 -24.46 31.64
C SER D 159 7.83 -25.19 32.96
N ASP D 160 7.32 -24.47 33.96
CA ASP D 160 7.11 -25.05 35.27
C ASP D 160 5.66 -25.45 35.45
N THR D 161 4.82 -25.11 34.48
CA THR D 161 3.41 -25.43 34.61
C THR D 161 2.88 -26.54 33.71
N ILE D 162 3.72 -27.02 32.79
CA ILE D 162 3.27 -28.08 31.88
C ILE D 162 3.50 -29.47 32.46
N SER D 163 2.49 -30.34 32.37
CA SER D 163 2.66 -31.70 32.89
C SER D 163 3.40 -32.67 31.95
N PRO D 164 3.84 -33.80 32.50
CA PRO D 164 4.54 -34.78 31.67
C PRO D 164 3.62 -35.30 30.57
N GLU D 165 2.34 -35.44 30.92
CA GLU D 165 1.35 -35.93 29.96
C GLU D 165 1.09 -34.92 28.86
N GLN D 166 1.10 -33.63 29.20
CA GLN D 166 0.87 -32.62 28.17
C GLN D 166 2.12 -32.58 27.23
N ALA D 167 3.31 -32.72 27.79
CA ALA D 167 4.49 -32.74 26.96
C ALA D 167 4.42 -33.91 25.96
N ILE D 168 3.92 -35.05 26.44
CA ILE D 168 3.75 -36.23 25.59
C ILE D 168 2.75 -35.94 24.47
N ASP D 169 1.64 -35.30 24.83
CA ASP D 169 0.67 -34.98 23.80
C ASP D 169 1.31 -34.08 22.75
N SER D 170 2.14 -33.11 23.16
CA SER D 170 2.79 -32.25 22.16
C SER D 170 3.57 -33.07 21.15
N LEU D 171 4.42 -33.98 21.62
CA LEU D 171 5.23 -34.75 20.70
C LEU D 171 4.39 -35.77 19.90
N ARG D 172 3.23 -36.17 20.42
CA ARG D 172 2.35 -37.11 19.71
C ARG D 172 1.67 -36.34 18.59
N ASP D 173 1.30 -35.08 18.86
CA ASP D 173 0.71 -34.24 17.85
C ASP D 173 1.74 -34.05 16.74
N LEU D 174 3.02 -33.92 17.12
CA LEU D 174 4.07 -33.69 16.16
C LEU D 174 4.52 -34.91 15.36
N ARG D 175 4.78 -36.01 16.03
CA ARG D 175 5.32 -37.20 15.35
C ARG D 175 4.40 -38.37 15.15
N GLY D 176 3.27 -38.39 15.86
CA GLY D 176 2.36 -39.52 15.74
C GLY D 176 2.06 -40.15 17.09
N SER D 177 0.97 -40.91 17.12
CA SER D 177 0.48 -41.54 18.34
C SER D 177 1.48 -42.50 19.00
N GLY D 178 2.51 -42.88 18.26
CA GLY D 178 3.49 -43.77 18.82
C GLY D 178 4.69 -43.08 19.43
N ALA D 179 4.62 -41.77 19.65
CA ALA D 179 5.76 -41.04 20.21
C ALA D 179 6.42 -41.66 21.46
N ILE D 180 6.46 -40.91 22.56
CA ILE D 180 7.09 -41.41 23.78
C ILE D 180 6.20 -42.56 24.28
N GLN D 181 6.39 -43.75 23.71
CA GLN D 181 5.56 -44.87 24.10
C GLN D 181 6.06 -45.89 25.12
N THR D 182 7.37 -46.06 25.30
CA THR D 182 7.85 -47.07 26.26
C THR D 182 7.73 -46.61 27.70
N ILE D 183 7.42 -47.56 28.57
CA ILE D 183 7.27 -47.25 29.98
C ILE D 183 8.55 -46.62 30.54
N LYS D 184 9.70 -47.08 30.06
CA LYS D 184 10.94 -46.50 30.52
C LYS D 184 10.90 -44.99 30.21
N GLN D 185 10.44 -44.63 29.02
CA GLN D 185 10.37 -43.21 28.64
C GLN D 185 9.38 -42.41 29.50
N TYR D 186 8.16 -42.97 29.61
CA TYR D 186 7.07 -42.42 30.42
C TYR D 186 7.59 -42.15 31.83
N ASN D 187 8.26 -43.15 32.40
CA ASN D 187 8.82 -43.04 33.76
C ASN D 187 9.85 -41.91 33.83
N TYR D 188 10.74 -41.86 32.85
CA TYR D 188 11.80 -40.86 32.80
C TYR D 188 11.22 -39.45 32.92
N LEU D 189 10.29 -39.13 32.04
CA LEU D 189 9.66 -37.80 32.06
C LEU D 189 9.05 -37.47 33.41
N HIS D 190 8.44 -38.45 34.06
CA HIS D 190 7.88 -38.22 35.39
C HIS D 190 9.18 -38.40 36.14
N GLU D 191 9.42 -37.64 37.21
CA GLU D 191 10.69 -37.78 37.95
C GLU D 191 11.87 -36.98 37.34
N PHE D 192 11.73 -36.54 36.09
CA PHE D 192 12.78 -35.74 35.47
C PHE D 192 13.02 -34.43 36.25
N ARG D 193 11.93 -33.74 36.62
CA ARG D 193 12.04 -32.50 37.36
C ARG D 193 12.81 -32.75 38.65
N ASP D 194 12.45 -33.83 39.34
CA ASP D 194 13.09 -34.15 40.60
C ASP D 194 14.55 -34.55 40.44
N LYS D 195 14.88 -35.34 39.41
CA LYS D 195 16.28 -35.73 39.22
C LYS D 195 17.05 -34.47 38.90
N LEU D 196 16.43 -33.59 38.12
CA LEU D 196 16.99 -32.32 37.69
C LEU D 196 17.22 -31.38 38.86
N ALA D 197 16.16 -31.11 39.62
CA ALA D 197 16.26 -30.24 40.77
C ALA D 197 17.53 -30.60 41.52
N ALA D 198 17.86 -31.90 41.52
CA ALA D 198 19.06 -32.38 42.17
C ALA D 198 20.33 -32.03 41.39
N HIS D 199 20.60 -30.73 41.21
CA HIS D 199 21.80 -30.27 40.50
C HIS D 199 22.82 -29.86 41.55
N LEU D 200 22.38 -28.91 42.37
CA LEU D 200 23.16 -28.29 43.44
C LEU D 200 24.66 -28.55 43.41
N THR E 25 32.71 29.57 -17.98
CA THR E 25 32.14 30.14 -16.72
C THR E 25 33.09 31.14 -16.06
N PRO E 26 32.55 32.29 -15.59
CA PRO E 26 33.46 33.26 -14.95
C PRO E 26 33.85 32.73 -13.57
N ILE E 27 33.31 33.40 -12.57
CA ILE E 27 33.49 33.10 -11.17
C ILE E 27 32.64 34.21 -10.58
N HIS E 28 31.74 33.82 -9.69
CA HIS E 28 30.81 34.77 -9.13
C HIS E 28 31.21 35.35 -7.80
N ILE E 29 31.08 36.67 -7.71
CA ILE E 29 31.37 37.44 -6.51
C ILE E 29 30.03 37.88 -5.91
N SER E 30 29.82 37.58 -4.63
CA SER E 30 28.64 38.03 -3.93
C SER E 30 29.06 39.34 -3.22
N TRP E 31 28.43 40.45 -3.59
CA TRP E 31 28.76 41.74 -3.00
C TRP E 31 27.92 42.10 -1.79
N LEU E 32 28.60 42.29 -0.66
CA LEU E 32 27.94 42.59 0.60
C LEU E 32 27.86 44.11 0.87
N SER E 33 26.66 44.63 1.05
CA SER E 33 26.54 46.07 1.35
C SER E 33 26.95 46.31 2.78
N LEU E 34 27.66 47.39 3.00
CA LEU E 34 28.07 47.72 4.37
C LEU E 34 27.19 48.90 4.87
N SER E 35 26.11 49.20 4.14
CA SER E 35 25.27 50.32 4.57
C SER E 35 24.74 50.17 6.00
N ARG E 36 24.58 48.96 6.49
CA ARG E 36 24.03 48.79 7.83
C ARG E 36 25.03 49.19 8.88
N VAL E 37 26.22 49.52 8.41
CA VAL E 37 27.33 49.86 9.25
C VAL E 37 27.87 51.24 8.84
N ASN E 38 27.04 52.00 8.13
CA ASN E 38 27.39 53.35 7.69
C ASN E 38 28.51 53.47 6.67
N CYS E 39 28.57 52.55 5.73
CA CYS E 39 29.58 52.63 4.69
C CYS E 39 28.90 52.39 3.37
N SER E 40 29.18 53.26 2.40
CA SER E 40 28.58 53.17 1.09
C SER E 40 29.19 52.10 0.21
N GLN E 41 30.28 51.49 0.69
CA GLN E 41 30.96 50.49 -0.11
C GLN E 41 30.45 49.05 0.10
N PHE E 42 30.84 48.17 -0.82
CA PHE E 42 30.46 46.76 -0.80
C PHE E 42 31.71 45.88 -0.70
N LEU E 43 31.64 44.81 0.07
CA LEU E 43 32.78 43.89 0.18
C LEU E 43 32.43 42.61 -0.60
N GLY E 44 33.35 42.12 -1.40
CA GLY E 44 33.10 40.90 -2.17
C GLY E 44 33.50 39.58 -1.48
N LEU E 45 32.68 38.53 -1.66
CA LEU E 45 32.94 37.17 -1.14
C LEU E 45 32.80 36.13 -2.26
N CYS E 46 33.67 35.12 -2.29
CA CYS E 46 33.56 34.06 -3.28
C CYS E 46 34.26 32.77 -2.84
N ALA E 47 34.17 31.72 -3.67
CA ALA E 47 34.82 30.44 -3.40
C ALA E 47 36.22 30.46 -4.05
N LEU E 48 36.95 29.38 -3.90
CA LEU E 48 38.30 29.28 -4.40
C LEU E 48 38.50 29.51 -5.93
N PRO E 49 39.15 30.63 -6.35
CA PRO E 49 39.28 30.73 -7.80
C PRO E 49 40.27 29.67 -8.27
N GLY E 50 40.08 29.18 -9.48
CA GLY E 50 40.98 28.19 -10.04
C GLY E 50 40.94 26.81 -9.38
N CYS E 51 39.97 26.58 -8.51
CA CYS E 51 39.87 25.31 -7.80
C CYS E 51 39.78 24.11 -8.73
N LYS E 52 40.48 23.04 -8.38
CA LYS E 52 40.43 21.83 -9.17
C LYS E 52 40.22 20.69 -8.22
N PHE E 53 38.97 20.30 -8.05
CA PHE E 53 38.64 19.18 -7.19
C PHE E 53 37.62 18.32 -7.92
N LYS E 54 37.08 17.34 -7.22
CA LYS E 54 36.09 16.45 -7.81
C LYS E 54 35.01 17.22 -8.59
N ASP E 55 35.02 16.97 -9.91
CA ASP E 55 34.10 17.58 -10.86
C ASP E 55 34.27 19.09 -11.06
N VAL E 56 35.01 19.74 -10.15
CA VAL E 56 35.27 21.17 -10.27
C VAL E 56 36.65 21.36 -10.88
N ARG E 57 36.68 21.83 -12.13
CA ARG E 57 37.93 22.06 -12.83
C ARG E 57 37.93 23.50 -13.34
N ARG E 58 38.58 24.39 -12.61
CA ARG E 58 38.66 25.79 -13.00
C ARG E 58 40.07 26.11 -13.41
N ASN E 59 40.24 27.17 -14.20
CA ASN E 59 41.56 27.58 -14.67
C ASN E 59 41.99 28.79 -13.80
N VAL E 60 43.01 28.60 -12.97
CA VAL E 60 43.48 29.65 -12.06
C VAL E 60 43.95 30.91 -12.78
N GLN E 61 44.59 30.78 -13.94
CA GLN E 61 45.07 31.97 -14.64
C GLN E 61 43.92 32.76 -15.24
N LYS E 62 42.97 32.06 -15.86
CA LYS E 62 41.85 32.76 -16.46
C LYS E 62 41.01 33.49 -15.40
N ASP E 63 40.79 32.84 -14.25
CA ASP E 63 39.97 33.45 -13.19
C ASP E 63 40.73 34.64 -12.60
N THR E 64 42.04 34.51 -12.45
CA THR E 64 42.78 35.62 -11.90
C THR E 64 42.67 36.80 -12.82
N GLU E 65 42.81 36.54 -14.12
CA GLU E 65 42.73 37.60 -15.11
C GLU E 65 41.32 38.22 -15.14
N GLU E 66 40.30 37.42 -14.94
CA GLU E 66 38.95 37.99 -14.95
C GLU E 66 38.76 38.87 -13.73
N LEU E 67 39.31 38.43 -12.60
CA LEU E 67 39.23 39.21 -11.36
C LEU E 67 39.97 40.54 -11.54
N LYS E 68 41.10 40.52 -12.23
CA LYS E 68 41.81 41.78 -12.41
C LYS E 68 41.02 42.67 -13.36
N SER E 69 40.48 42.09 -14.42
CA SER E 69 39.73 42.85 -15.41
C SER E 69 38.47 43.45 -14.81
N CYS E 70 38.03 42.91 -13.69
CA CYS E 70 36.84 43.42 -13.02
C CYS E 70 37.16 44.59 -12.06
N GLY E 71 38.46 44.86 -11.85
CA GLY E 71 38.85 45.97 -11.00
C GLY E 71 39.24 45.60 -9.57
N ILE E 72 39.32 44.29 -9.28
CA ILE E 72 39.65 43.85 -7.93
C ILE E 72 41.06 44.37 -7.67
N GLN E 73 41.24 45.10 -6.58
CA GLN E 73 42.55 45.65 -6.25
C GLN E 73 43.25 44.93 -5.11
N ASP E 74 42.47 44.41 -4.18
CA ASP E 74 42.96 43.67 -3.02
C ASP E 74 42.16 42.36 -2.84
N ILE E 75 42.85 41.26 -2.59
CA ILE E 75 42.18 39.99 -2.30
C ILE E 75 42.65 39.39 -0.94
N PHE E 76 41.73 38.93 -0.09
CA PHE E 76 42.08 38.29 1.20
C PHE E 76 41.85 36.77 1.07
N VAL E 77 42.88 35.98 1.39
CA VAL E 77 42.81 34.52 1.28
C VAL E 77 42.86 33.82 2.64
N PHE E 78 41.82 33.05 2.95
CA PHE E 78 41.79 32.35 4.24
C PHE E 78 42.09 30.87 4.13
N CYS E 79 42.48 30.42 2.95
CA CYS E 79 42.82 29.00 2.73
C CYS E 79 44.22 28.73 3.24
N THR E 80 44.45 27.53 3.77
CA THR E 80 45.77 27.16 4.27
C THR E 80 46.61 26.68 3.08
N ARG E 81 47.93 26.61 3.26
CA ARG E 81 48.82 26.19 2.18
C ARG E 81 48.50 24.74 1.74
N GLY E 82 48.17 23.88 2.70
CA GLY E 82 47.81 22.49 2.37
C GLY E 82 46.60 22.47 1.43
N GLU E 83 45.64 23.35 1.65
CA GLU E 83 44.45 23.43 0.77
C GLU E 83 44.85 23.88 -0.63
N LEU E 84 45.69 24.91 -0.71
CA LEU E 84 46.10 25.40 -2.02
C LEU E 84 46.76 24.27 -2.80
N SER E 85 47.46 23.37 -2.10
CA SER E 85 48.11 22.22 -2.76
C SER E 85 47.04 21.22 -3.14
N LYS E 86 46.22 20.86 -2.18
CA LYS E 86 45.15 19.91 -2.42
C LYS E 86 44.29 20.24 -3.63
N TYR E 87 43.85 21.48 -3.75
CA TYR E 87 43.00 21.88 -4.85
C TYR E 87 43.78 22.32 -6.07
N ARG E 88 45.05 21.98 -6.08
CA ARG E 88 45.92 22.28 -7.21
C ARG E 88 46.13 23.76 -7.58
N VAL E 89 46.32 24.62 -6.57
CA VAL E 89 46.58 26.04 -6.80
C VAL E 89 47.58 26.51 -5.77
N PRO E 90 48.73 25.83 -5.69
CA PRO E 90 49.82 26.10 -4.76
C PRO E 90 50.41 27.47 -4.98
N ASN E 91 50.30 27.92 -6.22
CA ASN E 91 50.85 29.19 -6.69
C ASN E 91 49.83 30.32 -6.76
N LEU E 92 48.68 30.15 -6.10
CA LEU E 92 47.61 31.15 -6.12
C LEU E 92 48.10 32.56 -5.74
N LEU E 93 48.69 32.69 -4.56
CA LEU E 93 49.15 33.97 -4.05
C LEU E 93 50.17 34.64 -4.98
N ASP E 94 51.03 33.84 -5.62
CA ASP E 94 52.01 34.44 -6.52
C ASP E 94 51.35 34.91 -7.84
N LEU E 95 50.42 34.14 -8.38
CA LEU E 95 49.72 34.57 -9.58
C LEU E 95 48.91 35.85 -9.36
N TYR E 96 48.28 35.98 -8.19
CA TYR E 96 47.52 37.19 -7.89
C TYR E 96 48.47 38.39 -7.93
N GLN E 97 49.62 38.26 -7.28
CA GLN E 97 50.62 39.32 -7.20
C GLN E 97 51.20 39.63 -8.58
N GLN E 98 51.51 38.58 -9.34
CA GLN E 98 52.02 38.72 -10.73
C GLN E 98 51.02 39.55 -11.57
N CYS E 99 49.72 39.41 -11.28
CA CYS E 99 48.70 40.14 -12.03
C CYS E 99 48.44 41.55 -11.49
N GLY E 100 49.24 41.98 -10.51
CA GLY E 100 49.10 43.31 -9.93
C GLY E 100 48.07 43.49 -8.82
N ILE E 101 47.61 42.40 -8.22
CA ILE E 101 46.60 42.50 -7.15
C ILE E 101 47.31 42.36 -5.79
N ILE E 102 47.01 43.24 -4.82
CA ILE E 102 47.65 43.13 -3.51
C ILE E 102 46.96 41.99 -2.78
N THR E 103 47.80 41.10 -2.27
CA THR E 103 47.30 39.90 -1.65
C THR E 103 47.57 39.82 -0.16
N HIS E 104 46.51 39.52 0.59
CA HIS E 104 46.61 39.41 2.03
C HIS E 104 46.29 37.97 2.44
N HIS E 105 47.33 37.15 2.64
CA HIS E 105 47.07 35.76 3.02
C HIS E 105 47.04 35.55 4.51
N HIS E 106 45.86 35.19 5.05
CA HIS E 106 45.66 34.96 6.49
C HIS E 106 45.01 33.58 6.70
N PRO E 107 45.81 32.51 6.63
CA PRO E 107 45.18 31.20 6.82
C PRO E 107 44.36 30.92 8.08
N ILE E 108 43.17 30.37 7.85
CA ILE E 108 42.26 29.99 8.92
C ILE E 108 41.98 28.50 8.72
N ALA E 109 42.10 27.72 9.80
CA ALA E 109 41.85 26.28 9.69
C ALA E 109 40.40 26.02 9.24
N ASP E 110 40.23 25.12 8.27
CA ASP E 110 38.90 24.82 7.78
C ASP E 110 37.98 24.47 8.95
N GLY E 111 36.82 25.12 8.99
CA GLY E 111 35.88 24.90 10.07
C GLY E 111 36.32 25.59 11.35
N GLY E 112 37.42 26.34 11.27
CA GLY E 112 37.96 27.00 12.46
C GLY E 112 37.82 28.52 12.53
N THR E 113 38.64 29.14 13.36
CA THR E 113 38.61 30.58 13.55
C THR E 113 40.01 31.17 13.73
N PRO E 114 40.18 32.46 13.41
CA PRO E 114 41.51 33.07 13.57
C PRO E 114 41.70 33.52 15.01
N ASP E 115 42.95 33.52 15.49
CA ASP E 115 43.22 33.97 16.84
C ASP E 115 42.87 35.44 16.83
N ILE E 116 42.68 36.02 18.00
CA ILE E 116 42.29 37.40 18.12
C ILE E 116 43.30 38.39 17.55
N ALA E 117 44.59 38.09 17.71
CA ALA E 117 45.62 38.98 17.17
C ALA E 117 45.52 38.94 15.64
N SER E 118 45.38 37.73 15.10
CA SER E 118 45.24 37.57 13.67
C SER E 118 43.97 38.27 13.19
N CYS E 119 42.86 37.97 13.84
CA CYS E 119 41.58 38.55 13.49
C CYS E 119 41.65 40.07 13.52
N CYS E 120 42.36 40.59 14.50
CA CYS E 120 42.51 42.04 14.63
C CYS E 120 43.28 42.67 13.46
N GLU E 121 44.35 42.00 13.01
CA GLU E 121 45.16 42.49 11.89
C GLU E 121 44.25 42.46 10.64
N ILE E 122 43.43 41.43 10.54
CA ILE E 122 42.51 41.29 9.41
C ILE E 122 41.53 42.48 9.37
N MET E 123 40.98 42.85 10.53
CA MET E 123 40.04 43.97 10.60
C MET E 123 40.70 45.27 10.20
N GLU E 124 41.95 45.47 10.68
CA GLU E 124 42.68 46.69 10.36
C GLU E 124 42.99 46.78 8.88
N GLU E 125 43.39 45.67 8.26
CA GLU E 125 43.68 45.71 6.82
C GLU E 125 42.42 45.97 6.03
N LEU E 126 41.32 45.33 6.42
CA LEU E 126 40.07 45.51 5.69
C LEU E 126 39.57 46.96 5.79
N THR E 127 39.55 47.50 6.99
CA THR E 127 39.11 48.88 7.18
C THR E 127 39.97 49.85 6.35
N THR E 128 41.28 49.65 6.36
CA THR E 128 42.16 50.51 5.57
C THR E 128 41.81 50.43 4.06
N CYS E 129 41.54 49.22 3.56
CA CYS E 129 41.17 49.08 2.16
C CYS E 129 39.91 49.91 1.91
N LEU E 130 38.96 49.87 2.86
CA LEU E 130 37.73 50.64 2.68
C LEU E 130 38.03 52.13 2.68
N LYS E 131 38.76 52.59 3.69
CA LYS E 131 39.13 54.00 3.79
C LYS E 131 39.78 54.49 2.52
N ASN E 132 40.48 53.64 1.80
CA ASN E 132 41.12 54.06 0.56
C ASN E 132 40.28 53.78 -0.67
N TYR E 133 39.05 53.31 -0.46
CA TYR E 133 38.18 53.03 -1.58
C TYR E 133 38.73 51.95 -2.53
N ARG E 134 39.36 50.92 -1.96
CA ARG E 134 39.91 49.84 -2.76
C ARG E 134 38.85 48.77 -2.98
N LYS E 135 38.69 48.36 -4.24
CA LYS E 135 37.73 47.31 -4.55
C LYS E 135 38.34 46.05 -3.93
N THR E 136 37.74 45.61 -2.84
CA THR E 136 38.21 44.45 -2.06
C THR E 136 37.35 43.17 -2.13
N LEU E 137 38.03 42.04 -2.33
CA LEU E 137 37.39 40.73 -2.44
C LEU E 137 38.02 39.79 -1.40
N ILE E 138 37.23 38.92 -0.80
CA ILE E 138 37.76 37.97 0.18
C ILE E 138 37.21 36.58 -0.17
N HIS E 139 38.03 35.53 -0.03
CA HIS E 139 37.56 34.17 -0.29
C HIS E 139 38.26 33.10 0.57
N SER E 140 37.63 31.92 0.64
CA SER E 140 38.16 30.78 1.37
C SER E 140 38.05 29.61 0.35
N TYR E 141 37.55 28.45 0.78
CA TYR E 141 37.36 27.37 -0.17
C TYR E 141 35.94 27.49 -0.74
N GLY E 142 34.96 27.55 0.13
CA GLY E 142 33.59 27.66 -0.36
C GLY E 142 32.94 28.99 -0.20
N GLY E 143 33.65 29.94 0.42
CA GLY E 143 33.13 31.27 0.68
C GLY E 143 31.92 31.14 1.58
N LEU E 144 32.04 30.25 2.54
CA LEU E 144 30.92 29.95 3.39
C LEU E 144 31.39 29.52 4.77
N GLY E 145 31.74 30.44 5.64
CA GLY E 145 32.15 29.93 6.95
C GLY E 145 33.28 30.79 7.39
N ARG E 146 34.46 30.43 6.94
CA ARG E 146 35.63 31.21 7.25
C ARG E 146 35.40 32.62 6.67
N SER E 147 34.96 32.74 5.41
CA SER E 147 34.71 34.07 4.80
C SER E 147 33.58 34.86 5.46
N CYS E 148 32.46 34.20 5.73
CA CYS E 148 31.37 34.90 6.40
C CYS E 148 31.71 35.25 7.86
N LEU E 149 32.57 34.45 8.50
CA LEU E 149 32.97 34.71 9.89
C LEU E 149 33.71 36.04 9.92
N VAL E 150 34.70 36.16 9.05
CA VAL E 150 35.50 37.39 8.91
C VAL E 150 34.60 38.58 8.54
N ALA E 151 33.77 38.43 7.53
CA ALA E 151 32.90 39.54 7.14
C ALA E 151 31.97 39.93 8.29
N ALA E 152 31.52 38.96 9.06
CA ALA E 152 30.59 39.25 10.15
C ALA E 152 31.32 39.97 11.28
N CYS E 153 32.59 39.62 11.46
CA CYS E 153 33.42 40.23 12.48
C CYS E 153 33.60 41.69 12.12
N LEU E 154 33.81 41.95 10.83
CA LEU E 154 34.01 43.28 10.35
C LEU E 154 32.76 44.14 10.64
N LEU E 155 31.56 43.57 10.50
CA LEU E 155 30.33 44.33 10.73
C LEU E 155 30.29 44.72 12.21
N LEU E 156 30.68 43.77 13.05
CA LEU E 156 30.75 43.97 14.48
C LEU E 156 31.83 45.02 14.77
N TYR E 157 32.94 44.90 14.05
CA TYR E 157 34.09 45.82 14.21
C TYR E 157 33.75 47.26 13.89
N LEU E 158 33.01 47.47 12.81
CA LEU E 158 32.66 48.81 12.37
C LEU E 158 31.44 49.43 13.01
N SER E 159 30.69 48.63 13.76
CA SER E 159 29.50 49.10 14.44
C SER E 159 29.44 48.66 15.90
N ASP E 160 28.95 49.57 16.74
CA ASP E 160 28.82 49.31 18.16
C ASP E 160 27.38 48.86 18.44
N THR E 161 26.52 49.00 17.45
CA THR E 161 25.10 48.68 17.63
C THR E 161 24.56 47.37 17.08
N ILE E 162 25.24 46.78 16.12
CA ILE E 162 24.74 45.54 15.54
C ILE E 162 25.11 44.35 16.40
N SER E 163 24.15 43.45 16.64
CA SER E 163 24.41 42.28 17.45
C SER E 163 25.05 41.17 16.64
N PRO E 164 25.66 40.17 17.31
CA PRO E 164 26.27 39.09 16.54
C PRO E 164 25.16 38.36 15.76
N GLU E 165 23.95 38.31 16.33
CA GLU E 165 22.80 37.67 15.69
C GLU E 165 22.45 38.35 14.39
N GLN E 166 22.38 39.68 14.45
CA GLN E 166 22.10 40.49 13.28
C GLN E 166 23.17 40.40 12.22
N ALA E 167 24.45 40.32 12.63
CA ALA E 167 25.55 40.23 11.66
C ALA E 167 25.49 38.90 10.92
N ILE E 168 25.17 37.85 11.67
CA ILE E 168 25.05 36.50 11.14
C ILE E 168 23.89 36.46 10.14
N ASP E 169 22.79 37.10 10.51
CA ASP E 169 21.62 37.17 9.67
C ASP E 169 21.99 37.81 8.33
N SER E 170 22.76 38.89 8.42
CA SER E 170 23.19 39.61 7.25
C SER E 170 23.96 38.74 6.27
N LEU E 171 24.87 37.92 6.77
CA LEU E 171 25.64 37.07 5.87
C LEU E 171 24.79 35.91 5.37
N ARG E 172 23.79 35.48 6.12
CA ARG E 172 22.96 34.38 5.66
C ARG E 172 22.15 34.92 4.49
N ASP E 173 21.75 36.19 4.58
CA ASP E 173 21.01 36.82 3.49
C ASP E 173 21.86 36.79 2.24
N LEU E 174 23.17 36.88 2.43
CA LEU E 174 24.13 36.92 1.34
C LEU E 174 24.57 35.55 0.81
N ARG E 175 24.89 34.62 1.71
CA ARG E 175 25.38 33.30 1.26
C ARG E 175 24.58 32.03 1.58
N GLY E 176 23.40 32.17 2.15
CA GLY E 176 22.61 30.98 2.46
C GLY E 176 22.56 30.58 3.91
N SER E 177 21.73 29.60 4.23
CA SER E 177 21.62 29.20 5.62
C SER E 177 22.93 28.63 6.20
N GLY E 178 23.86 28.26 5.32
CA GLY E 178 25.15 27.71 5.73
C GLY E 178 26.28 28.75 5.82
N ALA E 179 25.93 30.03 5.82
CA ALA E 179 26.93 31.10 5.90
C ALA E 179 27.99 30.81 6.98
N ILE E 180 27.54 30.47 8.17
CA ILE E 180 28.42 30.10 9.27
C ILE E 180 28.39 28.55 9.29
N GLN E 181 29.55 27.91 9.37
CA GLN E 181 29.63 26.45 9.34
C GLN E 181 29.53 25.69 10.66
N THR E 182 30.41 25.98 11.61
CA THR E 182 30.44 25.26 12.90
C THR E 182 30.05 26.02 14.14
N ILE E 183 29.75 25.28 15.20
CA ILE E 183 29.39 25.86 16.48
C ILE E 183 30.55 26.71 17.00
N LYS E 184 31.78 26.35 16.63
CA LYS E 184 32.96 27.09 17.05
C LYS E 184 32.94 28.50 16.46
N GLN E 185 32.56 28.61 15.20
CA GLN E 185 32.50 29.92 14.55
C GLN E 185 31.35 30.74 15.17
N TYR E 186 30.22 30.10 15.48
CA TYR E 186 29.10 30.81 16.10
C TYR E 186 29.55 31.37 17.46
N ASN E 187 30.28 30.54 18.21
CA ASN E 187 30.82 30.91 19.53
C ASN E 187 31.74 32.13 19.41
N TYR E 188 32.60 32.11 18.40
CA TYR E 188 33.56 33.20 18.19
C TYR E 188 32.82 34.51 18.03
N LEU E 189 31.84 34.56 17.13
CA LEU E 189 31.03 35.76 16.88
C LEU E 189 30.38 36.28 18.15
N HIS E 190 29.82 35.39 18.97
CA HIS E 190 29.27 35.85 20.22
C HIS E 190 30.48 35.92 21.15
N GLU E 191 30.85 37.13 21.56
CA GLU E 191 32.02 37.37 22.41
C GLU E 191 33.27 37.83 21.64
N PHE E 192 33.17 37.95 20.32
CA PHE E 192 34.33 38.46 19.58
C PHE E 192 34.62 39.89 20.07
N ARG E 193 33.58 40.60 20.54
CA ARG E 193 33.76 41.96 21.03
C ARG E 193 34.49 41.96 22.37
N ASP E 194 34.24 40.94 23.19
CA ASP E 194 34.92 40.86 24.48
C ASP E 194 36.34 40.39 24.26
N LYS E 195 36.53 39.38 23.42
CA LYS E 195 37.87 38.90 23.14
C LYS E 195 38.67 40.07 22.57
N LEU E 196 38.07 40.82 21.65
CA LEU E 196 38.75 41.95 21.06
C LEU E 196 39.07 43.01 22.12
N ALA E 197 38.12 43.29 23.02
CA ALA E 197 38.35 44.29 24.05
C ALA E 197 39.58 43.93 24.91
N ALA E 198 39.82 42.63 25.11
CA ALA E 198 40.98 42.20 25.87
C ALA E 198 42.19 42.73 25.08
N HIS E 199 42.46 44.02 25.35
CA HIS E 199 43.53 44.83 24.75
C HIS E 199 44.51 45.25 25.83
N LEU E 200 45.71 44.68 25.81
CA LEU E 200 46.76 45.00 26.76
C LEU E 200 47.64 46.08 26.10
N GLU F 23 6.67 -13.27 -74.39
CA GLU F 23 5.61 -14.16 -74.96
C GLU F 23 4.61 -14.58 -73.92
N GLN F 24 5.06 -14.74 -72.68
CA GLN F 24 4.14 -15.14 -71.63
C GLN F 24 3.73 -13.99 -70.74
N THR F 25 3.02 -13.02 -71.32
CA THR F 25 2.51 -11.89 -70.56
C THR F 25 3.60 -10.96 -70.02
N PRO F 26 3.27 -9.67 -69.86
CA PRO F 26 4.25 -8.72 -69.33
C PRO F 26 4.89 -9.19 -68.01
N ILE F 27 4.14 -9.25 -66.93
CA ILE F 27 4.69 -9.70 -65.65
C ILE F 27 3.68 -9.50 -64.51
N HIS F 28 2.83 -8.49 -64.65
CA HIS F 28 1.77 -8.17 -63.69
C HIS F 28 2.15 -7.80 -62.25
N ILE F 29 1.87 -6.56 -61.89
CA ILE F 29 2.12 -6.04 -60.55
C ILE F 29 0.79 -5.56 -59.96
N SER F 30 0.46 -6.05 -58.76
CA SER F 30 -0.78 -5.69 -58.06
C SER F 30 -0.48 -4.59 -57.08
N TRP F 31 -1.12 -3.44 -57.27
CA TRP F 31 -0.92 -2.30 -56.40
C TRP F 31 -1.86 -2.20 -55.20
N LEU F 32 -1.28 -2.22 -54.01
CA LEU F 32 -2.02 -2.12 -52.75
C LEU F 32 -2.10 -0.66 -52.30
N SER F 33 -3.33 -0.15 -52.15
CA SER F 33 -3.52 1.24 -51.71
C SER F 33 -3.22 1.32 -50.21
N LEU F 34 -2.45 2.32 -49.81
CA LEU F 34 -2.09 2.45 -48.39
C LEU F 34 -2.91 3.56 -47.71
N SER F 35 -3.96 3.98 -48.38
CA SER F 35 -4.84 5.04 -47.90
C SER F 35 -5.50 4.71 -46.56
N ARG F 36 -5.94 3.47 -46.41
CA ARG F 36 -6.63 3.07 -45.20
C ARG F 36 -5.68 3.00 -44.03
N VAL F 37 -4.40 3.20 -44.30
CA VAL F 37 -3.35 3.19 -43.28
C VAL F 37 -2.83 4.62 -43.28
N ASN F 38 -3.61 5.50 -43.89
CA ASN F 38 -3.30 6.92 -43.97
C ASN F 38 -2.03 7.22 -44.72
N CYS F 39 -1.89 6.65 -45.91
CA CYS F 39 -0.74 6.88 -46.76
C CYS F 39 -1.21 7.09 -48.20
N SER F 40 -0.72 8.16 -48.80
CA SER F 40 -1.08 8.56 -50.16
C SER F 40 -0.58 7.65 -51.29
N GLN F 41 0.36 6.78 -50.98
CA GLN F 41 0.94 5.93 -52.02
C GLN F 41 0.48 4.48 -52.09
N PHE F 42 1.07 3.75 -53.06
CA PHE F 42 0.77 2.34 -53.33
C PHE F 42 1.99 1.42 -53.24
N LEU F 43 1.80 0.20 -52.75
CA LEU F 43 2.91 -0.76 -52.66
C LEU F 43 2.66 -1.90 -53.64
N GLY F 44 3.65 -2.20 -54.47
CA GLY F 44 3.45 -3.25 -55.43
C GLY F 44 3.82 -4.62 -54.90
N LEU F 45 3.10 -5.63 -55.40
CA LEU F 45 3.34 -7.04 -55.09
C LEU F 45 3.23 -7.87 -56.38
N CYS F 46 4.21 -8.75 -56.62
CA CYS F 46 4.18 -9.59 -57.81
C CYS F 46 4.82 -10.95 -57.50
N ALA F 47 4.79 -11.85 -58.47
CA ALA F 47 5.37 -13.19 -58.30
C ALA F 47 6.79 -13.16 -58.82
N LEU F 48 7.58 -14.17 -58.48
CA LEU F 48 8.98 -14.24 -58.90
C LEU F 48 9.23 -13.97 -60.38
N PRO F 49 9.79 -12.82 -60.72
CA PRO F 49 10.05 -12.49 -62.12
C PRO F 49 11.12 -13.40 -62.75
N GLY F 50 10.89 -13.78 -64.01
CA GLY F 50 11.83 -14.63 -64.74
C GLY F 50 11.88 -16.08 -64.32
N CYS F 51 10.91 -16.49 -63.52
CA CYS F 51 10.86 -17.86 -63.04
C CYS F 51 10.65 -18.89 -64.14
N LYS F 52 11.43 -19.96 -64.06
CA LYS F 52 11.35 -21.07 -65.01
C LYS F 52 11.19 -22.31 -64.14
N PHE F 53 9.97 -22.80 -64.04
CA PHE F 53 9.69 -23.97 -63.21
C PHE F 53 8.49 -24.76 -63.71
N LYS F 54 8.75 -26.00 -64.16
CA LYS F 54 7.74 -26.93 -64.66
C LYS F 54 6.52 -26.28 -65.32
N ASP F 55 6.53 -26.19 -66.65
CA ASP F 55 5.43 -25.62 -67.41
C ASP F 55 5.40 -24.08 -67.35
N VAL F 56 6.02 -23.52 -66.32
CA VAL F 56 6.08 -22.08 -66.11
C VAL F 56 7.44 -21.58 -66.61
N ARG F 57 7.47 -20.91 -67.76
CA ARG F 57 8.74 -20.44 -68.30
C ARG F 57 8.77 -18.97 -68.70
N ARG F 58 9.50 -18.17 -67.93
CA ARG F 58 9.63 -16.74 -68.20
C ARG F 58 11.08 -16.38 -68.46
N ASN F 59 11.34 -15.15 -68.89
CA ASN F 59 12.71 -14.71 -69.16
C ASN F 59 13.07 -13.51 -68.31
N VAL F 60 13.95 -13.78 -67.34
CA VAL F 60 14.43 -12.82 -66.35
C VAL F 60 14.74 -11.42 -66.83
N GLN F 61 15.44 -11.32 -67.95
CA GLN F 61 15.83 -10.04 -68.49
C GLN F 61 14.64 -9.25 -69.05
N LYS F 62 13.65 -9.95 -69.62
CA LYS F 62 12.46 -9.27 -70.16
C LYS F 62 11.64 -8.72 -69.01
N ASP F 63 11.44 -9.54 -67.99
CA ASP F 63 10.66 -9.12 -66.82
C ASP F 63 11.35 -7.94 -66.12
N THR F 64 12.65 -8.05 -65.92
CA THR F 64 13.43 -7.00 -65.27
C THR F 64 13.25 -5.65 -65.98
N GLU F 65 13.37 -5.68 -67.30
CA GLU F 65 13.22 -4.46 -68.10
C GLU F 65 11.77 -3.96 -67.98
N GLU F 66 10.85 -4.91 -67.88
CA GLU F 66 9.44 -4.58 -67.74
C GLU F 66 9.31 -3.83 -66.44
N LEU F 67 9.81 -4.43 -65.38
CA LEU F 67 9.76 -3.81 -64.08
C LEU F 67 10.42 -2.44 -64.09
N LYS F 68 11.51 -2.31 -64.84
CA LYS F 68 12.25 -1.04 -64.90
C LYS F 68 11.42 0.02 -65.61
N SER F 69 10.74 -0.37 -66.67
CA SER F 69 9.93 0.58 -67.40
C SER F 69 8.69 0.97 -66.59
N CYS F 70 8.36 0.20 -65.57
CA CYS F 70 7.19 0.53 -64.75
C CYS F 70 7.53 1.58 -63.72
N GLY F 71 8.78 2.05 -63.76
CA GLY F 71 9.24 3.06 -62.83
C GLY F 71 9.70 2.57 -61.46
N ILE F 72 9.93 1.27 -61.36
CA ILE F 72 10.37 0.64 -60.12
C ILE F 72 11.75 1.12 -59.66
N GLN F 73 11.83 1.64 -58.46
CA GLN F 73 13.10 2.13 -57.94
C GLN F 73 13.72 1.22 -56.85
N ASP F 74 12.89 0.40 -56.21
CA ASP F 74 13.36 -0.52 -55.17
C ASP F 74 12.52 -1.81 -55.16
N ILE F 75 13.16 -2.96 -55.01
CA ILE F 75 12.48 -4.26 -54.97
C ILE F 75 12.97 -5.07 -53.76
N PHE F 76 12.01 -5.61 -53.00
CA PHE F 76 12.29 -6.40 -51.81
C PHE F 76 12.03 -7.83 -52.20
N VAL F 77 13.00 -8.68 -51.93
CA VAL F 77 12.93 -10.10 -52.27
C VAL F 77 13.00 -10.94 -51.02
N PHE F 78 11.96 -11.72 -50.79
CA PHE F 78 11.91 -12.54 -49.59
C PHE F 78 12.27 -13.99 -49.88
N CYS F 79 12.58 -14.31 -51.14
CA CYS F 79 12.95 -15.67 -51.51
C CYS F 79 14.34 -16.02 -51.00
N THR F 80 14.57 -17.30 -50.73
CA THR F 80 15.87 -17.74 -50.25
C THR F 80 16.82 -17.86 -51.42
N ARG F 81 18.13 -17.88 -51.16
CA ARG F 81 19.09 -18.01 -52.24
C ARG F 81 18.89 -19.36 -52.93
N GLY F 82 18.43 -20.34 -52.18
CA GLY F 82 18.19 -21.64 -52.79
C GLY F 82 17.13 -21.56 -53.88
N GLU F 83 15.98 -20.98 -53.53
CA GLU F 83 14.88 -20.86 -54.47
C GLU F 83 15.32 -20.12 -55.71
N LEU F 84 16.13 -19.08 -55.54
CA LEU F 84 16.59 -18.32 -56.68
C LEU F 84 17.32 -19.22 -57.67
N SER F 85 17.98 -20.25 -57.16
CA SER F 85 18.68 -21.17 -58.05
C SER F 85 17.72 -22.24 -58.58
N LYS F 86 16.93 -22.87 -57.72
CA LYS F 86 16.04 -23.89 -58.24
C LYS F 86 15.07 -23.36 -59.28
N TYR F 87 14.75 -22.09 -59.23
CA TYR F 87 13.81 -21.56 -60.21
C TYR F 87 14.54 -20.83 -61.33
N ARG F 88 15.82 -21.15 -61.46
CA ARG F 88 16.69 -20.60 -62.51
C ARG F 88 16.83 -19.09 -62.61
N VAL F 89 17.02 -18.43 -61.47
CA VAL F 89 17.18 -16.97 -61.45
C VAL F 89 18.20 -16.53 -60.40
N PRO F 90 19.28 -17.31 -60.23
CA PRO F 90 20.33 -17.01 -59.24
C PRO F 90 20.95 -15.63 -59.40
N ASN F 91 20.82 -15.08 -60.59
CA ASN F 91 21.37 -13.78 -60.93
C ASN F 91 20.35 -12.66 -60.74
N LEU F 92 19.18 -13.04 -60.25
CA LEU F 92 18.08 -12.09 -60.01
C LEU F 92 18.59 -10.79 -59.41
N LEU F 93 19.10 -10.90 -58.19
CA LEU F 93 19.58 -9.74 -57.46
C LEU F 93 20.55 -8.84 -58.22
N ASP F 94 21.44 -9.41 -59.00
CA ASP F 94 22.39 -8.61 -59.78
C ASP F 94 21.76 -7.88 -60.98
N LEU F 95 20.84 -8.55 -61.67
CA LEU F 95 20.14 -7.94 -62.82
C LEU F 95 19.44 -6.67 -62.41
N TYR F 96 18.71 -6.75 -61.30
CA TYR F 96 17.98 -5.61 -60.79
C TYR F 96 18.88 -4.38 -60.67
N GLN F 97 20.09 -4.59 -60.14
CA GLN F 97 21.05 -3.50 -59.93
C GLN F 97 21.66 -3.01 -61.24
N GLN F 98 21.68 -3.91 -62.22
CA GLN F 98 22.19 -3.60 -63.54
C GLN F 98 21.19 -2.67 -64.21
N CYS F 99 19.94 -2.74 -63.77
CA CYS F 99 18.89 -1.89 -64.33
C CYS F 99 18.58 -0.70 -63.43
N GLY F 100 19.49 -0.39 -62.51
CA GLY F 100 19.34 0.77 -61.62
C GLY F 100 18.33 0.68 -60.48
N ILE F 101 17.94 -0.54 -60.15
CA ILE F 101 16.96 -0.83 -59.10
C ILE F 101 17.61 -1.22 -57.80
N ILE F 102 17.32 -0.50 -56.73
CA ILE F 102 17.90 -0.84 -55.44
C ILE F 102 17.24 -2.14 -54.96
N THR F 103 18.08 -3.12 -54.71
CA THR F 103 17.67 -4.44 -54.26
C THR F 103 17.75 -4.61 -52.74
N HIS F 104 16.68 -5.12 -52.12
CA HIS F 104 16.63 -5.36 -50.67
C HIS F 104 16.33 -6.84 -50.43
N HIS F 105 17.38 -7.65 -50.28
CA HIS F 105 17.21 -9.07 -50.10
C HIS F 105 17.03 -9.43 -48.65
N HIS F 106 15.84 -9.92 -48.32
CA HIS F 106 15.54 -10.31 -46.95
C HIS F 106 14.90 -11.70 -46.93
N PRO F 107 15.72 -12.74 -46.95
CA PRO F 107 15.21 -14.11 -46.94
C PRO F 107 14.20 -14.47 -45.86
N ILE F 108 13.12 -15.14 -46.27
CA ILE F 108 12.14 -15.63 -45.32
C ILE F 108 11.89 -17.04 -45.84
N ALA F 109 11.97 -18.02 -44.95
CA ALA F 109 11.81 -19.41 -45.34
C ALA F 109 10.47 -19.75 -46.02
N ASP F 110 10.54 -20.38 -47.19
CA ASP F 110 9.34 -20.79 -47.92
C ASP F 110 8.45 -21.43 -46.87
N GLY F 111 7.24 -20.91 -46.68
CA GLY F 111 6.36 -21.48 -45.68
C GLY F 111 6.58 -20.88 -44.29
N GLY F 112 7.79 -20.37 -44.02
CA GLY F 112 8.07 -19.79 -42.72
C GLY F 112 7.73 -18.32 -42.57
N THR F 113 8.23 -17.68 -41.51
CA THR F 113 8.00 -16.25 -41.28
C THR F 113 9.31 -15.59 -40.81
N PRO F 114 9.45 -14.28 -40.98
CA PRO F 114 10.69 -13.63 -40.55
C PRO F 114 10.79 -13.50 -39.03
N ASP F 115 12.02 -13.35 -38.55
CA ASP F 115 12.24 -13.17 -37.12
C ASP F 115 12.05 -11.69 -36.85
N ILE F 116 11.78 -11.36 -35.59
CA ILE F 116 11.55 -9.99 -35.16
C ILE F 116 12.63 -9.01 -35.59
N ALA F 117 13.87 -9.48 -35.58
CA ALA F 117 15.00 -8.65 -35.96
C ALA F 117 15.00 -8.33 -37.44
N SER F 118 14.77 -9.35 -38.25
CA SER F 118 14.74 -9.18 -39.69
C SER F 118 13.49 -8.39 -40.08
N CYS F 119 12.34 -8.86 -39.57
CA CYS F 119 11.04 -8.26 -39.86
C CYS F 119 11.04 -6.78 -39.49
N CYS F 120 11.85 -6.42 -38.50
CA CYS F 120 11.95 -5.04 -38.05
C CYS F 120 12.69 -4.19 -39.06
N GLU F 121 13.75 -4.75 -39.63
CA GLU F 121 14.56 -4.05 -40.61
C GLU F 121 13.76 -3.80 -41.89
N ILE F 122 13.01 -4.81 -42.30
CA ILE F 122 12.19 -4.70 -43.49
C ILE F 122 11.18 -3.56 -43.30
N MET F 123 10.52 -3.53 -42.14
CA MET F 123 9.53 -2.46 -41.87
C MET F 123 10.16 -1.07 -42.03
N GLU F 124 11.39 -0.92 -41.60
CA GLU F 124 12.03 0.38 -41.67
C GLU F 124 12.52 0.73 -43.06
N GLU F 125 13.08 -0.24 -43.77
CA GLU F 125 13.53 0.07 -45.11
C GLU F 125 12.32 0.44 -46.00
N LEU F 126 11.20 -0.24 -45.80
CA LEU F 126 10.01 0.04 -46.59
C LEU F 126 9.50 1.45 -46.29
N THR F 127 9.37 1.76 -45.01
CA THR F 127 8.85 3.05 -44.59
C THR F 127 9.75 4.13 -45.17
N THR F 128 11.06 3.92 -45.10
CA THR F 128 12.03 4.87 -45.63
C THR F 128 11.72 5.14 -47.09
N CYS F 129 11.48 4.06 -47.84
CA CYS F 129 11.17 4.14 -49.26
C CYS F 129 9.89 4.94 -49.49
N LEU F 130 8.89 4.69 -48.67
CA LEU F 130 7.63 5.40 -48.81
C LEU F 130 7.81 6.89 -48.56
N LYS F 131 8.24 7.23 -47.34
CA LYS F 131 8.42 8.63 -46.95
C LYS F 131 9.35 9.37 -47.89
N ASN F 132 10.05 8.62 -48.74
CA ASN F 132 10.94 9.26 -49.68
C ASN F 132 10.38 9.17 -51.08
N TYR F 133 9.11 8.79 -51.16
CA TYR F 133 8.39 8.64 -52.43
C TYR F 133 9.12 7.83 -53.47
N ARG F 134 9.65 6.68 -53.07
CA ARG F 134 10.35 5.78 -54.00
C ARG F 134 9.36 4.71 -54.45
N LYS F 135 9.21 4.53 -55.76
CA LYS F 135 8.28 3.51 -56.22
C LYS F 135 8.82 2.15 -55.78
N THR F 136 8.03 1.43 -55.00
CA THR F 136 8.52 0.15 -54.50
C THR F 136 7.66 -1.10 -54.74
N LEU F 137 8.35 -2.23 -54.92
CA LEU F 137 7.70 -3.50 -55.21
C LEU F 137 8.30 -4.60 -54.33
N ILE F 138 7.48 -5.54 -53.85
CA ILE F 138 7.99 -6.64 -53.03
C ILE F 138 7.50 -7.95 -53.61
N HIS F 139 8.26 -9.03 -53.39
CA HIS F 139 7.83 -10.33 -53.89
C HIS F 139 8.52 -11.52 -53.22
N SER F 140 7.88 -12.68 -53.30
CA SER F 140 8.43 -13.91 -52.77
C SER F 140 8.43 -14.82 -53.99
N TYR F 141 8.00 -16.07 -53.87
CA TYR F 141 7.96 -16.93 -55.05
C TYR F 141 6.60 -16.78 -55.71
N GLY F 142 5.57 -17.22 -55.00
CA GLY F 142 4.23 -17.16 -55.53
C GLY F 142 3.35 -15.97 -55.14
N GLY F 143 3.90 -15.05 -54.36
CA GLY F 143 3.08 -13.90 -53.97
C GLY F 143 1.66 -14.25 -53.56
N LEU F 144 1.55 -14.84 -52.38
CA LEU F 144 0.26 -15.22 -51.86
C LEU F 144 0.53 -15.62 -50.43
N GLY F 145 1.82 -15.80 -50.15
CA GLY F 145 2.23 -16.18 -48.82
C GLY F 145 3.03 -15.08 -48.18
N ARG F 146 4.35 -15.28 -48.14
CA ARG F 146 5.29 -14.34 -47.53
C ARG F 146 5.12 -12.85 -47.89
N SER F 147 4.99 -12.53 -49.17
CA SER F 147 4.82 -11.14 -49.60
C SER F 147 3.61 -10.52 -48.93
N CYS F 148 2.47 -11.22 -49.04
CA CYS F 148 1.26 -10.71 -48.46
C CYS F 148 1.42 -10.55 -46.95
N LEU F 149 2.17 -11.46 -46.32
CA LEU F 149 2.38 -11.38 -44.87
C LEU F 149 3.20 -10.15 -44.44
N VAL F 150 4.23 -9.79 -45.22
CA VAL F 150 5.07 -8.61 -44.95
C VAL F 150 4.25 -7.31 -45.16
N ALA F 151 3.52 -7.20 -46.28
CA ALA F 151 2.73 -5.99 -46.49
C ALA F 151 1.72 -5.86 -45.37
N ALA F 152 1.08 -6.97 -45.05
CA ALA F 152 0.09 -6.98 -43.99
C ALA F 152 0.75 -6.48 -42.74
N CYS F 153 2.01 -6.87 -42.52
CA CYS F 153 2.76 -6.43 -41.34
C CYS F 153 2.99 -4.92 -41.41
N LEU F 154 3.34 -4.41 -42.59
CA LEU F 154 3.58 -2.98 -42.78
C LEU F 154 2.35 -2.17 -42.38
N LEU F 155 1.16 -2.61 -42.81
CA LEU F 155 -0.04 -1.87 -42.45
C LEU F 155 -0.10 -1.82 -40.92
N LEU F 156 0.02 -2.97 -40.27
CA LEU F 156 -0.02 -2.98 -38.82
C LEU F 156 0.98 -1.98 -38.26
N TYR F 157 2.14 -1.87 -38.92
CA TYR F 157 3.22 -0.98 -38.52
C TYR F 157 2.88 0.48 -38.73
N LEU F 158 2.24 0.78 -39.84
CA LEU F 158 1.88 2.13 -40.18
C LEU F 158 0.67 2.65 -39.40
N SER F 159 -0.26 1.75 -39.06
CA SER F 159 -1.47 2.12 -38.31
C SER F 159 -1.60 1.41 -36.98
N ASP F 160 -2.17 2.13 -36.03
CA ASP F 160 -2.35 1.59 -34.68
C ASP F 160 -3.82 1.15 -34.48
N THR F 161 -4.67 1.51 -35.44
CA THR F 161 -6.10 1.19 -35.35
C THR F 161 -6.58 0.05 -36.25
N ILE F 162 -5.68 -0.46 -37.08
CA ILE F 162 -6.01 -1.56 -38.00
C ILE F 162 -5.92 -2.93 -37.32
N SER F 163 -6.92 -3.77 -37.56
CA SER F 163 -6.94 -5.11 -36.99
C SER F 163 -6.19 -6.08 -37.88
N PRO F 164 -5.75 -7.20 -37.32
CA PRO F 164 -5.02 -8.19 -38.12
C PRO F 164 -5.94 -8.73 -39.21
N GLU F 165 -7.21 -8.83 -38.85
CA GLU F 165 -8.25 -9.33 -39.74
C GLU F 165 -8.46 -8.37 -40.90
N GLN F 166 -8.33 -7.07 -40.62
CA GLN F 166 -8.50 -6.05 -41.64
C GLN F 166 -7.33 -6.15 -42.63
N ALA F 167 -6.13 -6.25 -42.07
CA ALA F 167 -4.92 -6.34 -42.86
C ALA F 167 -5.10 -7.46 -43.86
N ILE F 168 -5.60 -8.60 -43.36
CA ILE F 168 -5.83 -9.77 -44.20
C ILE F 168 -6.82 -9.50 -45.33
N ASP F 169 -7.90 -8.80 -45.02
CA ASP F 169 -8.89 -8.50 -46.03
C ASP F 169 -8.24 -7.63 -47.09
N SER F 170 -7.41 -6.68 -46.67
CA SER F 170 -6.72 -5.81 -47.61
C SER F 170 -5.99 -6.66 -48.63
N LEU F 171 -5.16 -7.58 -48.16
CA LEU F 171 -4.40 -8.43 -49.08
C LEU F 171 -5.29 -9.39 -49.88
N ARG F 172 -6.39 -9.82 -49.26
CA ARG F 172 -7.33 -10.69 -49.92
C ARG F 172 -7.92 -9.94 -51.12
N ASP F 173 -8.28 -8.69 -50.91
CA ASP F 173 -8.84 -7.88 -51.99
C ASP F 173 -7.79 -7.70 -53.08
N LEU F 174 -6.54 -7.59 -52.65
CA LEU F 174 -5.44 -7.40 -53.56
C LEU F 174 -5.03 -8.64 -54.36
N ARG F 175 -4.73 -9.73 -53.67
CA ARG F 175 -4.24 -10.93 -54.35
C ARG F 175 -5.20 -12.09 -54.54
N GLY F 176 -6.32 -12.07 -53.82
CA GLY F 176 -7.26 -13.17 -53.94
C GLY F 176 -7.53 -13.84 -52.60
N SER F 177 -8.64 -14.56 -52.56
CA SER F 177 -9.12 -15.30 -51.40
C SER F 177 -8.07 -16.08 -50.65
N GLY F 178 -7.09 -16.59 -51.39
CA GLY F 178 -6.05 -17.39 -50.78
C GLY F 178 -4.83 -16.68 -50.22
N ALA F 179 -4.96 -15.40 -49.92
CA ALA F 179 -3.83 -14.61 -49.37
C ALA F 179 -3.21 -15.24 -48.13
N ILE F 180 -3.05 -14.47 -47.07
CA ILE F 180 -2.47 -15.03 -45.84
C ILE F 180 -3.32 -16.21 -45.42
N GLN F 181 -3.01 -17.35 -46.02
CA GLN F 181 -3.70 -18.61 -45.84
C GLN F 181 -3.39 -19.51 -44.66
N THR F 182 -2.10 -19.74 -44.38
CA THR F 182 -1.71 -20.66 -43.30
C THR F 182 -1.83 -20.14 -41.88
N ILE F 183 -2.14 -21.06 -40.96
CA ILE F 183 -2.30 -20.72 -39.55
C ILE F 183 -1.00 -20.07 -39.05
N LYS F 184 0.10 -20.55 -39.60
CA LYS F 184 1.41 -20.04 -39.24
C LYS F 184 1.39 -18.53 -39.45
N GLN F 185 0.86 -18.13 -40.61
CA GLN F 185 0.78 -16.72 -40.96
C GLN F 185 -0.21 -15.92 -40.13
N TYR F 186 -1.45 -16.42 -39.98
CA TYR F 186 -2.46 -15.71 -39.16
C TYR F 186 -1.86 -15.53 -37.78
N ASN F 187 -1.31 -16.62 -37.26
CA ASN F 187 -0.70 -16.63 -35.95
C ASN F 187 0.32 -15.48 -35.84
N TYR F 188 1.19 -15.37 -36.83
CA TYR F 188 2.24 -14.33 -36.86
C TYR F 188 1.66 -12.92 -36.81
N LEU F 189 0.68 -12.67 -37.67
CA LEU F 189 0.02 -11.35 -37.75
C LEU F 189 -0.51 -10.96 -36.39
N HIS F 190 -1.10 -11.92 -35.70
CA HIS F 190 -1.58 -11.68 -34.36
C HIS F 190 -0.27 -11.78 -33.58
N GLU F 191 -0.11 -10.97 -32.55
CA GLU F 191 1.11 -10.96 -31.73
C GLU F 191 2.32 -10.28 -32.38
N PHE F 192 2.19 -9.87 -33.64
CA PHE F 192 3.28 -9.17 -34.31
C PHE F 192 3.54 -7.90 -33.51
N ARG F 193 2.46 -7.16 -33.25
CA ARG F 193 2.52 -5.91 -32.50
C ARG F 193 3.30 -6.11 -31.22
N ASP F 194 2.99 -7.20 -30.52
CA ASP F 194 3.63 -7.53 -29.27
C ASP F 194 5.11 -7.90 -29.40
N LYS F 195 5.45 -8.72 -30.40
CA LYS F 195 6.84 -9.12 -30.60
C LYS F 195 7.62 -7.87 -30.95
N LEU F 196 6.97 -7.05 -31.76
CA LEU F 196 7.53 -5.79 -32.23
C LEU F 196 7.76 -4.84 -31.06
N ALA F 197 6.69 -4.56 -30.31
CA ALA F 197 6.77 -3.68 -29.15
C ALA F 197 8.06 -3.96 -28.39
N ALA F 198 8.41 -5.25 -28.35
CA ALA F 198 9.62 -5.68 -27.66
C ALA F 198 10.89 -5.35 -28.45
N HIS F 199 11.14 -4.05 -28.67
CA HIS F 199 12.33 -3.56 -29.39
C HIS F 199 13.37 -3.29 -28.34
N LEU F 200 13.02 -2.38 -27.44
CA LEU F 200 13.86 -1.98 -26.32
C LEU F 200 15.34 -1.84 -26.66
S SO4 G . -35.93 -1.98 -40.30
O1 SO4 G . -36.32 -0.68 -39.78
O2 SO4 G . -35.33 -1.72 -41.62
O3 SO4 G . -37.12 -2.87 -40.35
O4 SO4 G . -34.86 -2.56 -39.48
S SO4 H . -25.78 -27.88 30.04
O1 SO4 H . -27.20 -28.03 30.26
O2 SO4 H . -25.05 -28.72 30.96
O3 SO4 H . -25.40 -26.49 30.24
O4 SO4 H . -25.37 -28.28 28.70
S SO4 I . -6.67 42.10 13.47
O1 SO4 I . -6.82 41.55 12.14
O2 SO4 I . -6.02 43.45 13.35
O3 SO4 I . -5.75 41.23 14.22
O4 SO4 I . -7.97 42.16 14.12
S SO4 J . 14.85 -43.82 18.33
O1 SO4 J . 15.24 -43.84 19.74
O2 SO4 J . 14.13 -42.60 18.09
O3 SO4 J . 14.00 -44.96 18.04
O4 SO4 J . 16.03 -43.92 17.45
S SO4 K . 34.81 27.76 3.75
O1 SO4 K . 34.48 29.19 3.69
O2 SO4 K . 35.22 27.45 5.13
O3 SO4 K . 35.85 27.42 2.76
O4 SO4 K . 33.58 27.02 3.45
S SO4 L . 5.13 -17.47 -51.47
O1 SO4 L . 4.66 -16.29 -52.20
O2 SO4 L . 5.02 -17.24 -50.01
O3 SO4 L . 6.53 -17.74 -51.84
O4 SO4 L . 4.29 -18.61 -51.87
#